data_8A8Z
#
_entry.id   8A8Z
#
_cell.length_a   52.372
_cell.length_b   118.924
_cell.length_c   60.263
_cell.angle_alpha   90.000
_cell.angle_beta   93.870
_cell.angle_gamma   90.000
#
_symmetry.space_group_name_H-M   'P 1 21 1'
#
loop_
_entity.id
_entity.type
_entity.pdbx_description
1 polymer 'Histone deacetylase 6'
2 non-polymer 4-[[4-[4-(imidazolidin-2-ylideneamino)phenyl]-1,2,3-triazol-1-yl]methyl]benzohydrazide
3 non-polymer 'ZINC ION'
4 non-polymer 'POTASSIUM ION'
5 water water
#
_entity_poly.entity_id   1
_entity_poly.type   'polypeptide(L)'
_entity_poly.pdbx_seq_one_letter_code
;GSNAGGSSPITGLVYDQRMMLHHNMWDSHHPELPQRISRIFSRHEELRLLSRCHRIPARLATEEELALCHSSKHISIIKS
SEHMKPRDLNRLGDEYNSIFISNESYTCALLAAGSCFNSAQAILTGQVRNAVAIVRPPGHHAEKDTACGFCFFNTAALTA
RYAQSITRESLRVLIVDWDVHHGNGTQHIFEEDDSVLYISLHRYEDGAFFPNSEDANYDKVGLGKGRGYNVNIPWNGGKM
GDPEYMAAFHHLVMPIAREFAPELVLVSAGFDAARGDPLGGFQVTPEGYAHLTHQLMSLAAGRVLIILEGGYNLTSISES
MSMCTSMLLGDSPPSLDHLTPLKTSATVSINNVLRAHAPFWSSLR
;
_entity_poly.pdbx_strand_id   A,B
#
loop_
_chem_comp.id
_chem_comp.type
_chem_comp.name
_chem_comp.formula
K non-polymer 'POTASSIUM ION' 'K 1'
LDL non-polymer 4-[[4-[4-(imidazolidin-2-ylideneamino)phenyl]-1,2,3-triazol-1-yl]methyl]benzohydrazide 'C19 H20 N8 O'
ZN non-polymer 'ZINC ION' 'Zn 2'
#
# COMPACT_ATOMS: atom_id res chain seq x y z
N PRO A 9 -26.55 -7.27 10.56
CA PRO A 9 -25.62 -8.37 10.23
C PRO A 9 -24.22 -8.11 10.81
N ILE A 10 -23.49 -9.13 11.23
CA ILE A 10 -22.11 -9.02 11.78
C ILE A 10 -21.14 -9.66 10.76
N THR A 11 -19.97 -9.06 10.53
CA THR A 11 -18.87 -9.62 9.70
C THR A 11 -17.78 -10.09 10.65
N GLY A 12 -17.35 -11.34 10.51
CA GLY A 12 -16.19 -11.88 11.24
C GLY A 12 -14.89 -11.57 10.52
N LEU A 13 -13.82 -11.48 11.28
CA LEU A 13 -12.45 -11.34 10.70
C LEU A 13 -11.52 -12.20 11.53
N VAL A 14 -10.76 -13.07 10.88
CA VAL A 14 -9.69 -13.82 11.54
C VAL A 14 -8.33 -13.42 10.95
N TYR A 15 -7.41 -13.07 11.82
CA TYR A 15 -6.01 -12.74 11.50
C TYR A 15 -5.16 -13.10 12.72
N ASP A 16 -4.08 -13.82 12.51
CA ASP A 16 -3.16 -14.18 13.63
C ASP A 16 -1.73 -14.06 13.12
N GLN A 17 -0.97 -13.20 13.77
CA GLN A 17 0.39 -12.85 13.28
C GLN A 17 1.29 -14.10 13.33
N ARG A 18 0.90 -15.14 14.06
CA ARG A 18 1.68 -16.41 14.14
C ARG A 18 1.83 -17.03 12.74
N MET A 19 0.91 -16.75 11.81
CA MET A 19 0.96 -17.32 10.44
C MET A 19 2.08 -16.64 9.65
N MET A 20 2.71 -15.60 10.19
CA MET A 20 3.87 -14.95 9.53
C MET A 20 5.14 -15.81 9.68
N LEU A 21 5.15 -16.80 10.55
CA LEU A 21 6.41 -17.47 10.92
C LEU A 21 6.88 -18.40 9.80
N HIS A 22 5.99 -18.88 8.93
CA HIS A 22 6.36 -19.70 7.75
C HIS A 22 7.12 -18.85 6.76
N HIS A 23 8.35 -19.24 6.41
CA HIS A 23 9.26 -18.36 5.64
C HIS A 23 10.24 -19.23 4.86
N ASN A 24 10.77 -18.65 3.80
CA ASN A 24 11.75 -19.27 2.88
C ASN A 24 13.14 -18.93 3.38
N MET A 25 13.83 -19.92 3.92
CA MET A 25 15.13 -19.77 4.61
C MET A 25 16.24 -19.37 3.64
N TRP A 26 16.18 -19.79 2.40
CA TRP A 26 17.30 -19.52 1.44
C TRP A 26 16.88 -18.62 0.26
N ASP A 27 15.66 -18.03 0.29
CA ASP A 27 15.19 -17.05 -0.73
C ASP A 27 14.22 -16.09 -0.03
N SER A 28 14.77 -15.14 0.70
CA SER A 28 14.01 -14.19 1.57
C SER A 28 13.08 -13.31 0.73
N HIS A 29 13.29 -13.26 -0.59
CA HIS A 29 12.50 -12.47 -1.58
C HIS A 29 11.42 -13.28 -2.31
N HIS A 30 11.32 -14.60 -2.08
CA HIS A 30 10.19 -15.45 -2.54
C HIS A 30 8.88 -14.66 -2.38
N PRO A 31 7.99 -14.67 -3.40
CA PRO A 31 6.77 -13.84 -3.39
C PRO A 31 5.71 -14.15 -2.30
N GLU A 32 5.72 -15.38 -1.79
CA GLU A 32 4.75 -15.80 -0.75
C GLU A 32 5.32 -15.34 0.59
N LEU A 33 5.35 -14.02 0.80
CA LEU A 33 5.99 -13.35 1.96
C LEU A 33 5.09 -13.39 3.18
N PRO A 34 5.73 -13.49 4.39
CA PRO A 34 5.05 -13.29 5.65
C PRO A 34 4.21 -12.02 5.68
N GLN A 35 4.73 -10.93 5.15
CA GLN A 35 4.07 -9.63 5.31
C GLN A 35 2.85 -9.52 4.38
N ARG A 36 2.57 -10.52 3.54
CA ARG A 36 1.29 -10.50 2.78
C ARG A 36 0.14 -10.28 3.78
N ILE A 37 0.11 -11.05 4.87
CA ILE A 37 -1.06 -11.00 5.81
C ILE A 37 -0.98 -9.77 6.74
N SER A 38 0.21 -9.36 7.17
CA SER A 38 0.30 -8.18 8.05
C SER A 38 -0.08 -6.92 7.26
N ARG A 39 0.28 -6.85 5.97
CA ARG A 39 -0.01 -5.66 5.13
C ARG A 39 -1.53 -5.61 4.89
N ILE A 40 -2.16 -6.76 4.66
CA ILE A 40 -3.65 -6.76 4.49
C ILE A 40 -4.34 -6.30 5.79
N PHE A 41 -3.87 -6.79 6.91
CA PHE A 41 -4.41 -6.43 8.23
C PHE A 41 -4.22 -4.93 8.51
N SER A 42 -3.03 -4.39 8.25
N SER A 42 -3.03 -4.39 8.27
CA SER A 42 -2.73 -2.95 8.45
CA SER A 42 -2.69 -2.94 8.38
C SER A 42 -3.63 -2.06 7.56
C SER A 42 -3.68 -2.08 7.58
N ARG A 43 -3.96 -2.48 6.34
CA ARG A 43 -4.86 -1.72 5.45
C ARG A 43 -6.26 -1.72 6.08
N HIS A 44 -6.71 -2.83 6.67
CA HIS A 44 -8.02 -2.89 7.36
C HIS A 44 -8.04 -1.88 8.51
N GLU A 45 -6.92 -1.71 9.24
CA GLU A 45 -6.81 -0.70 10.34
C GLU A 45 -6.84 0.70 9.74
N GLU A 46 -6.05 0.99 8.69
CA GLU A 46 -6.03 2.32 8.04
C GLU A 46 -7.45 2.72 7.62
N LEU A 47 -8.24 1.80 7.04
CA LEU A 47 -9.60 2.08 6.50
C LEU A 47 -10.69 1.99 7.59
N ARG A 48 -10.32 1.67 8.81
CA ARG A 48 -11.15 1.62 10.05
C ARG A 48 -12.14 0.46 9.89
N LEU A 49 -11.80 -0.55 9.10
CA LEU A 49 -12.67 -1.72 8.87
C LEU A 49 -12.55 -2.71 10.05
N LEU A 50 -11.40 -2.79 10.71
CA LEU A 50 -11.14 -3.79 11.77
C LEU A 50 -12.11 -3.61 12.94
N SER A 51 -12.32 -2.38 13.42
CA SER A 51 -13.22 -2.14 14.57
C SER A 51 -14.70 -2.42 14.21
N ARG A 52 -15.06 -2.46 12.93
CA ARG A 52 -16.45 -2.76 12.43
C ARG A 52 -16.70 -4.28 12.41
N CYS A 53 -15.67 -5.08 12.52
CA CYS A 53 -15.72 -6.56 12.45
C CYS A 53 -15.72 -7.16 13.84
N HIS A 54 -16.33 -8.33 13.97
CA HIS A 54 -16.19 -9.22 15.15
C HIS A 54 -14.95 -10.11 14.95
N ARG A 55 -14.00 -10.03 15.86
CA ARG A 55 -12.73 -10.78 15.75
C ARG A 55 -12.98 -12.24 16.13
N ILE A 56 -12.67 -13.15 15.21
CA ILE A 56 -12.79 -14.61 15.40
C ILE A 56 -11.38 -15.10 15.70
N PRO A 57 -11.18 -15.88 16.77
CA PRO A 57 -9.84 -16.35 17.08
C PRO A 57 -9.38 -17.41 16.08
N ALA A 58 -8.10 -17.41 15.75
CA ALA A 58 -7.45 -18.56 15.07
C ALA A 58 -7.41 -19.74 16.03
N ARG A 59 -7.30 -20.93 15.48
CA ARG A 59 -6.96 -22.14 16.27
C ARG A 59 -6.22 -23.09 15.34
N LEU A 60 -5.60 -24.11 15.90
CA LEU A 60 -4.99 -25.18 15.09
C LEU A 60 -6.09 -26.13 14.61
N ALA A 61 -6.04 -26.49 13.34
CA ALA A 61 -6.74 -27.69 12.86
C ALA A 61 -6.20 -28.91 13.62
N THR A 62 -7.07 -29.88 13.89
CA THR A 62 -6.66 -31.21 14.40
C THR A 62 -6.27 -32.14 13.25
N GLU A 63 -5.52 -33.20 13.56
CA GLU A 63 -5.14 -34.21 12.54
C GLU A 63 -6.40 -34.92 12.02
N GLU A 64 -7.39 -35.12 12.88
CA GLU A 64 -8.66 -35.73 12.47
C GLU A 64 -9.33 -34.78 11.46
N GLU A 65 -9.29 -33.47 11.67
CA GLU A 65 -9.89 -32.53 10.67
C GLU A 65 -9.10 -32.60 9.35
N LEU A 66 -7.77 -32.64 9.40
CA LEU A 66 -6.97 -32.70 8.14
C LEU A 66 -7.34 -33.96 7.36
N ALA A 67 -7.67 -35.05 8.06
CA ALA A 67 -8.00 -36.35 7.42
C ALA A 67 -9.37 -36.30 6.72
N LEU A 68 -10.16 -35.23 6.83
CA LEU A 68 -11.38 -35.05 6.02
C LEU A 68 -11.01 -35.01 4.54
N CYS A 69 -9.84 -34.48 4.18
CA CYS A 69 -9.44 -34.34 2.76
C CYS A 69 -8.07 -34.98 2.47
N HIS A 70 -7.19 -35.14 3.45
CA HIS A 70 -5.80 -35.57 3.18
C HIS A 70 -5.50 -36.98 3.70
N SER A 71 -4.58 -37.63 3.03
CA SER A 71 -4.08 -38.98 3.42
C SER A 71 -3.29 -38.91 4.72
N SER A 72 -3.29 -40.00 5.47
N SER A 72 -3.29 -40.01 5.48
CA SER A 72 -2.48 -40.13 6.70
CA SER A 72 -2.48 -40.11 6.71
C SER A 72 -0.99 -39.93 6.36
C SER A 72 -0.99 -39.92 6.36
N LYS A 73 -0.53 -40.43 5.21
CA LYS A 73 0.87 -40.31 4.78
C LYS A 73 1.25 -38.83 4.61
N HIS A 74 0.43 -38.07 3.91
CA HIS A 74 0.71 -36.64 3.63
C HIS A 74 0.73 -35.85 4.94
N ILE A 75 -0.28 -36.05 5.80
CA ILE A 75 -0.35 -35.34 7.12
C ILE A 75 0.95 -35.65 7.92
N SER A 76 1.36 -36.91 7.96
CA SER A 76 2.53 -37.34 8.77
CA SER A 76 2.53 -37.34 8.77
C SER A 76 3.82 -36.71 8.21
N ILE A 77 3.98 -36.64 6.89
CA ILE A 77 5.22 -36.06 6.27
C ILE A 77 5.28 -34.57 6.59
N ILE A 78 4.21 -33.83 6.39
CA ILE A 78 4.26 -32.36 6.66
C ILE A 78 4.43 -32.15 8.16
N LYS A 79 3.75 -32.93 8.99
CA LYS A 79 3.92 -32.80 10.46
C LYS A 79 5.42 -32.95 10.82
N SER A 80 6.11 -33.89 10.18
CA SER A 80 7.51 -34.24 10.50
C SER A 80 8.45 -33.08 10.20
N SER A 81 8.07 -32.17 9.30
CA SER A 81 8.93 -31.01 8.95
C SER A 81 9.16 -30.09 10.16
N GLU A 82 8.29 -30.12 11.17
CA GLU A 82 8.45 -29.26 12.37
C GLU A 82 9.79 -29.56 13.06
N HIS A 83 10.34 -30.78 12.93
CA HIS A 83 11.55 -31.21 13.68
C HIS A 83 12.72 -31.42 12.72
N MET A 84 12.59 -31.05 11.45
CA MET A 84 13.66 -31.39 10.48
C MET A 84 14.83 -30.40 10.59
N LYS A 85 16.04 -30.90 10.36
CA LYS A 85 17.22 -30.00 10.21
C LYS A 85 17.14 -29.32 8.83
N PRO A 86 17.81 -28.17 8.62
CA PRO A 86 17.70 -27.41 7.37
C PRO A 86 17.91 -28.24 6.10
N ARG A 87 18.86 -29.17 6.10
CA ARG A 87 19.16 -29.98 4.89
C ARG A 87 17.93 -30.82 4.51
N ASP A 88 17.29 -31.40 5.52
CA ASP A 88 16.09 -32.26 5.35
C ASP A 88 14.89 -31.38 4.94
N LEU A 89 14.74 -30.18 5.51
CA LEU A 89 13.70 -29.23 5.03
C LEU A 89 13.87 -28.94 3.55
N ASN A 90 15.10 -28.69 3.13
CA ASN A 90 15.40 -28.30 1.72
C ASN A 90 15.10 -29.50 0.83
N ARG A 91 15.51 -30.70 1.23
CA ARG A 91 15.28 -31.93 0.43
C ARG A 91 13.76 -32.19 0.33
N LEU A 92 13.01 -32.07 1.43
CA LEU A 92 11.55 -32.34 1.41
C LEU A 92 10.83 -31.32 0.50
N GLY A 93 11.18 -30.03 0.55
CA GLY A 93 10.64 -28.98 -0.33
C GLY A 93 10.78 -29.40 -1.79
N ASP A 94 11.93 -30.00 -2.12
CA ASP A 94 12.25 -30.47 -3.50
C ASP A 94 11.46 -31.70 -3.96
N GLU A 95 10.75 -32.41 -3.08
CA GLU A 95 9.88 -33.53 -3.49
C GLU A 95 8.64 -32.98 -4.21
N TYR A 96 8.38 -31.67 -4.09
CA TYR A 96 7.08 -31.08 -4.54
C TYR A 96 7.34 -30.04 -5.62
N ASN A 97 6.28 -29.73 -6.33
CA ASN A 97 6.24 -28.62 -7.30
C ASN A 97 5.99 -27.31 -6.54
N SER A 98 6.99 -26.43 -6.50
CA SER A 98 6.89 -25.04 -6.00
CA SER A 98 6.87 -25.04 -6.01
C SER A 98 6.50 -25.00 -4.52
N ILE A 99 7.36 -25.56 -3.68
CA ILE A 99 7.14 -25.57 -2.22
C ILE A 99 8.46 -25.20 -1.53
N PHE A 100 8.37 -24.32 -0.52
CA PHE A 100 9.42 -24.15 0.50
C PHE A 100 8.84 -24.48 1.87
N ILE A 101 9.71 -25.00 2.74
CA ILE A 101 9.28 -25.46 4.07
C ILE A 101 10.25 -24.95 5.13
N SER A 102 9.71 -24.45 6.23
CA SER A 102 10.49 -24.14 7.44
C SER A 102 9.96 -24.97 8.59
N ASN A 103 10.61 -24.88 9.75
CA ASN A 103 10.12 -25.65 10.91
C ASN A 103 8.78 -25.08 11.43
N GLU A 104 8.39 -23.87 11.01
CA GLU A 104 7.10 -23.23 11.39
C GLU A 104 5.96 -23.53 10.40
N SER A 105 6.26 -24.11 9.25
CA SER A 105 5.28 -24.27 8.15
C SER A 105 4.04 -25.06 8.60
N TYR A 106 4.27 -26.20 9.24
CA TYR A 106 3.18 -27.11 9.59
C TYR A 106 2.22 -26.35 10.51
N THR A 107 2.73 -25.71 11.56
CA THR A 107 1.86 -24.97 12.51
C THR A 107 1.11 -23.84 11.80
N CYS A 108 1.75 -23.11 10.88
CA CYS A 108 1.07 -22.02 10.13
C CYS A 108 -0.07 -22.63 9.31
N ALA A 109 0.18 -23.72 8.60
CA ALA A 109 -0.86 -24.38 7.75
C ALA A 109 -2.00 -24.88 8.65
N LEU A 110 -1.71 -25.40 9.86
CA LEU A 110 -2.76 -25.80 10.81
C LEU A 110 -3.57 -24.56 11.24
N LEU A 111 -2.92 -23.43 11.46
CA LEU A 111 -3.64 -22.20 11.91
C LEU A 111 -4.52 -21.65 10.79
N ALA A 112 -4.06 -21.75 9.56
CA ALA A 112 -4.82 -21.25 8.39
C ALA A 112 -6.11 -22.05 8.30
N ALA A 113 -6.00 -23.36 8.42
CA ALA A 113 -7.20 -24.21 8.34
C ALA A 113 -8.10 -23.98 9.56
N GLY A 114 -7.59 -24.03 10.78
CA GLY A 114 -8.47 -23.87 11.96
C GLY A 114 -9.13 -22.49 12.03
N SER A 115 -8.45 -21.45 11.57
CA SER A 115 -9.05 -20.08 11.43
C SER A 115 -10.32 -20.17 10.57
N CYS A 116 -10.23 -20.87 9.45
CA CYS A 116 -11.34 -21.01 8.49
C CYS A 116 -12.44 -21.86 9.12
N PHE A 117 -12.10 -22.87 9.91
CA PHE A 117 -13.11 -23.71 10.58
C PHE A 117 -13.86 -22.85 11.59
N ASN A 118 -13.14 -22.09 12.40
CA ASN A 118 -13.81 -21.21 13.37
C ASN A 118 -14.73 -20.22 12.65
N SER A 119 -14.34 -19.72 11.48
CA SER A 119 -15.11 -18.74 10.70
C SER A 119 -16.37 -19.41 10.16
N ALA A 120 -16.21 -20.58 9.55
CA ALA A 120 -17.34 -21.35 9.02
C ALA A 120 -18.34 -21.65 10.15
N GLN A 121 -17.85 -22.09 11.30
CA GLN A 121 -18.73 -22.39 12.45
C GLN A 121 -19.51 -21.14 12.89
N ALA A 122 -18.83 -20.01 12.97
CA ALA A 122 -19.46 -18.70 13.32
C ALA A 122 -20.60 -18.41 12.36
N ILE A 123 -20.37 -18.65 11.06
CA ILE A 123 -21.37 -18.33 10.00
C ILE A 123 -22.56 -19.29 10.13
N LEU A 124 -22.29 -20.59 10.25
CA LEU A 124 -23.36 -21.62 10.21
C LEU A 124 -24.22 -21.58 11.48
N THR A 125 -23.68 -21.14 12.61
CA THR A 125 -24.42 -21.01 13.88
C THR A 125 -25.19 -19.68 13.90
N GLY A 126 -24.86 -18.76 12.99
CA GLY A 126 -25.46 -17.42 12.91
C GLY A 126 -24.84 -16.46 13.90
N GLN A 127 -23.70 -16.78 14.46
CA GLN A 127 -22.96 -15.81 15.32
C GLN A 127 -22.54 -14.62 14.46
N VAL A 128 -22.21 -14.86 13.20
CA VAL A 128 -21.90 -13.79 12.22
C VAL A 128 -22.66 -14.14 10.95
N ARG A 129 -22.85 -13.16 10.08
CA ARG A 129 -23.48 -13.35 8.76
C ARG A 129 -22.42 -13.87 7.78
N ASN A 130 -21.25 -13.22 7.76
CA ASN A 130 -20.20 -13.46 6.73
C ASN A 130 -18.86 -13.24 7.41
N ALA A 131 -17.75 -13.55 6.75
CA ALA A 131 -16.44 -13.41 7.40
C ALA A 131 -15.34 -13.39 6.36
N VAL A 132 -14.20 -12.87 6.82
CA VAL A 132 -12.96 -12.82 6.01
CA VAL A 132 -12.94 -12.80 6.03
C VAL A 132 -11.83 -13.46 6.83
N ALA A 133 -11.01 -14.28 6.17
CA ALA A 133 -9.90 -15.01 6.81
C ALA A 133 -8.59 -14.60 6.15
N ILE A 134 -7.81 -13.79 6.85
CA ILE A 134 -6.51 -13.25 6.36
C ILE A 134 -5.44 -14.27 6.76
N VAL A 135 -5.23 -15.29 5.95
CA VAL A 135 -4.46 -16.51 6.34
C VAL A 135 -3.39 -16.80 5.29
N ARG A 136 -2.32 -17.44 5.76
CA ARG A 136 -1.29 -18.06 4.91
C ARG A 136 -0.68 -19.19 5.71
N PRO A 137 -0.09 -20.21 5.07
CA PRO A 137 0.02 -20.32 3.62
C PRO A 137 -1.30 -20.63 2.95
N PRO A 138 -1.34 -20.47 1.61
CA PRO A 138 -2.57 -20.74 0.85
C PRO A 138 -2.86 -22.25 0.76
N GLY A 139 -3.96 -22.60 0.09
CA GLY A 139 -4.50 -23.98 0.15
C GLY A 139 -4.83 -24.64 -1.19
N HIS A 140 -5.24 -23.91 -2.23
CA HIS A 140 -6.05 -24.53 -3.32
C HIS A 140 -5.27 -25.50 -4.22
N HIS A 141 -3.95 -25.52 -4.22
CA HIS A 141 -3.17 -26.48 -5.06
C HIS A 141 -2.91 -27.77 -4.29
N ALA A 142 -3.13 -27.80 -2.99
CA ALA A 142 -2.87 -29.02 -2.19
C ALA A 142 -3.87 -30.11 -2.56
N GLU A 143 -3.35 -31.30 -2.79
CA GLU A 143 -4.11 -32.52 -3.16
C GLU A 143 -4.26 -33.41 -1.93
N LYS A 144 -5.10 -34.42 -2.03
CA LYS A 144 -5.26 -35.39 -0.92
C LYS A 144 -3.87 -35.85 -0.45
N ASP A 145 -2.99 -36.15 -1.39
CA ASP A 145 -1.72 -36.88 -1.08
C ASP A 145 -0.49 -36.01 -1.26
N THR A 146 -0.60 -34.71 -1.57
CA THR A 146 0.62 -33.95 -1.90
C THR A 146 0.43 -32.43 -1.71
N ALA A 147 1.54 -31.79 -1.36
CA ALA A 147 1.67 -30.32 -1.30
C ALA A 147 2.05 -29.81 -2.69
N CYS A 148 1.74 -28.55 -2.98
CA CYS A 148 1.98 -28.00 -4.33
C CYS A 148 1.78 -26.48 -4.33
N GLY A 149 2.58 -25.74 -5.10
CA GLY A 149 2.31 -24.32 -5.41
C GLY A 149 2.04 -23.48 -4.17
N PHE A 150 2.92 -23.63 -3.18
CA PHE A 150 2.95 -22.82 -1.93
C PHE A 150 1.90 -23.33 -0.93
N CYS A 151 1.20 -24.41 -1.27
CA CYS A 151 0.06 -24.93 -0.44
C CYS A 151 0.43 -26.29 0.18
N PHE A 152 0.13 -26.45 1.47
CA PHE A 152 0.34 -27.74 2.19
C PHE A 152 -0.95 -28.54 2.36
N PHE A 153 -2.00 -27.90 2.87
CA PHE A 153 -3.31 -28.52 3.10
C PHE A 153 -4.33 -27.61 2.39
N ASN A 154 -5.43 -28.22 1.94
CA ASN A 154 -6.41 -27.51 1.12
C ASN A 154 -7.42 -26.85 2.05
N THR A 155 -7.08 -25.64 2.53
CA THR A 155 -7.88 -24.91 3.53
C THR A 155 -9.35 -24.85 3.09
N ALA A 156 -9.63 -24.47 1.85
CA ALA A 156 -11.03 -24.28 1.41
C ALA A 156 -11.75 -25.63 1.32
N ALA A 157 -11.12 -26.67 0.80
CA ALA A 157 -11.75 -28.00 0.73
C ALA A 157 -12.04 -28.50 2.14
N LEU A 158 -11.07 -28.35 3.05
CA LEU A 158 -11.23 -28.82 4.43
C LEU A 158 -12.39 -28.05 5.07
N THR A 159 -12.51 -26.76 4.78
CA THR A 159 -13.57 -25.94 5.39
C THR A 159 -14.92 -26.49 4.93
N ALA A 160 -15.05 -26.83 3.62
CA ALA A 160 -16.35 -27.35 3.11
C ALA A 160 -16.67 -28.66 3.86
N ARG A 161 -15.70 -29.53 4.01
CA ARG A 161 -15.92 -30.82 4.75
C ARG A 161 -16.20 -30.55 6.23
N TYR A 162 -15.48 -29.64 6.86
CA TYR A 162 -15.72 -29.32 8.29
C TYR A 162 -17.15 -28.79 8.46
N ALA A 163 -17.59 -27.96 7.53
CA ALA A 163 -18.97 -27.38 7.53
C ALA A 163 -19.99 -28.54 7.51
N GLN A 164 -19.79 -29.51 6.64
CA GLN A 164 -20.68 -30.68 6.51
C GLN A 164 -20.63 -31.51 7.80
N SER A 165 -19.47 -31.56 8.42
CA SER A 165 -19.24 -32.36 9.64
C SER A 165 -20.04 -31.76 10.80
N ILE A 166 -20.25 -30.45 10.88
CA ILE A 166 -21.00 -29.83 12.02
C ILE A 166 -22.46 -29.54 11.67
N THR A 167 -22.91 -29.89 10.48
CA THR A 167 -24.34 -29.73 10.07
C THR A 167 -24.83 -31.09 9.58
N ARG A 168 -24.78 -31.33 8.28
CA ARG A 168 -25.17 -32.63 7.72
C ARG A 168 -24.28 -32.87 6.48
N GLU A 169 -24.06 -34.13 6.17
CA GLU A 169 -23.18 -34.57 5.08
C GLU A 169 -23.54 -33.87 3.78
N SER A 170 -24.83 -33.63 3.52
CA SER A 170 -25.29 -33.11 2.19
C SER A 170 -25.39 -31.57 2.18
N LEU A 171 -24.92 -30.87 3.22
CA LEU A 171 -24.89 -29.40 3.20
C LEU A 171 -24.28 -28.93 1.87
N ARG A 172 -24.98 -28.05 1.17
CA ARG A 172 -24.59 -27.58 -0.17
C ARG A 172 -23.57 -26.43 -0.04
N VAL A 173 -22.33 -26.68 -0.43
CA VAL A 173 -21.21 -25.70 -0.35
C VAL A 173 -20.77 -25.33 -1.77
N LEU A 174 -20.84 -24.04 -2.09
CA LEU A 174 -20.25 -23.45 -3.30
C LEU A 174 -18.85 -22.94 -2.95
N ILE A 175 -17.86 -23.40 -3.69
CA ILE A 175 -16.51 -22.78 -3.63
C ILE A 175 -16.31 -22.02 -4.95
N VAL A 176 -16.15 -20.73 -4.86
CA VAL A 176 -15.75 -19.88 -6.04
C VAL A 176 -14.28 -19.53 -5.88
N ASP A 177 -13.46 -19.94 -6.83
CA ASP A 177 -12.00 -19.73 -6.79
C ASP A 177 -11.64 -18.68 -7.83
N TRP A 178 -11.39 -17.42 -7.43
CA TRP A 178 -11.01 -16.33 -8.37
C TRP A 178 -9.53 -16.01 -8.32
N ASP A 179 -8.74 -16.75 -7.55
CA ASP A 179 -7.27 -16.81 -7.75
C ASP A 179 -7.01 -17.00 -9.26
N VAL A 180 -5.96 -16.38 -9.80
CA VAL A 180 -5.65 -16.43 -11.26
C VAL A 180 -5.23 -17.84 -11.66
N HIS A 181 -4.84 -18.70 -10.70
CA HIS A 181 -4.45 -20.12 -10.94
C HIS A 181 -5.64 -21.05 -10.72
N HIS A 182 -5.67 -22.14 -11.46
CA HIS A 182 -6.64 -23.22 -11.26
C HIS A 182 -6.36 -23.88 -9.90
N GLY A 183 -7.40 -24.09 -9.09
CA GLY A 183 -7.29 -24.86 -7.82
C GLY A 183 -7.39 -26.34 -8.09
N ASN A 184 -6.33 -26.88 -8.67
CA ASN A 184 -6.23 -28.30 -9.10
C ASN A 184 -6.58 -29.19 -7.88
N GLY A 185 -6.13 -28.83 -6.68
CA GLY A 185 -6.40 -29.69 -5.51
C GLY A 185 -7.88 -29.71 -5.18
N THR A 186 -8.53 -28.54 -5.18
CA THR A 186 -9.96 -28.43 -4.85
C THR A 186 -10.77 -29.21 -5.88
N GLN A 187 -10.43 -29.07 -7.16
CA GLN A 187 -11.17 -29.75 -8.24
C GLN A 187 -11.08 -31.25 -7.97
N HIS A 188 -9.90 -31.77 -7.73
CA HIS A 188 -9.68 -33.22 -7.57
C HIS A 188 -10.42 -33.75 -6.33
N ILE A 189 -10.35 -33.03 -5.22
CA ILE A 189 -11.01 -33.48 -3.96
C ILE A 189 -12.52 -33.61 -4.17
N PHE A 190 -13.16 -32.73 -4.97
CA PHE A 190 -14.64 -32.72 -5.12
C PHE A 190 -15.12 -33.22 -6.49
N GLU A 191 -14.26 -33.87 -7.25
CA GLU A 191 -14.58 -34.16 -8.67
C GLU A 191 -15.79 -35.10 -8.78
N GLU A 192 -15.96 -36.02 -7.83
CA GLU A 192 -17.09 -37.00 -7.86
C GLU A 192 -18.24 -36.58 -6.94
N ASP A 193 -18.28 -35.34 -6.49
CA ASP A 193 -19.18 -34.94 -5.39
C ASP A 193 -20.18 -33.89 -5.91
N ASP A 194 -21.49 -34.05 -5.71
CA ASP A 194 -22.50 -33.04 -6.09
C ASP A 194 -22.88 -32.18 -4.88
N SER A 195 -22.30 -32.41 -3.69
CA SER A 195 -22.63 -31.56 -2.51
C SER A 195 -21.73 -30.33 -2.48
N VAL A 196 -20.61 -30.39 -3.20
CA VAL A 196 -19.67 -29.24 -3.28
C VAL A 196 -19.51 -28.84 -4.75
N LEU A 197 -20.05 -27.67 -5.11
CA LEU A 197 -19.89 -27.09 -6.49
C LEU A 197 -18.61 -26.24 -6.50
N TYR A 198 -17.68 -26.60 -7.38
CA TYR A 198 -16.40 -25.91 -7.54
C TYR A 198 -16.45 -25.11 -8.84
N ILE A 199 -16.30 -23.80 -8.74
CA ILE A 199 -16.28 -22.88 -9.91
C ILE A 199 -14.92 -22.16 -9.83
N SER A 200 -14.06 -22.40 -10.81
CA SER A 200 -12.76 -21.70 -10.91
C SER A 200 -12.71 -20.85 -12.18
N LEU A 201 -12.24 -19.61 -12.05
CA LEU A 201 -11.81 -18.76 -13.18
C LEU A 201 -10.32 -18.70 -13.09
N HIS A 202 -9.64 -18.88 -14.21
CA HIS A 202 -8.15 -18.92 -14.17
C HIS A 202 -7.52 -18.67 -15.53
N ARG A 203 -6.31 -18.14 -15.49
CA ARG A 203 -5.45 -18.09 -16.67
C ARG A 203 -5.03 -19.51 -17.01
N TYR A 204 -5.21 -19.89 -18.28
CA TYR A 204 -5.02 -21.27 -18.76
C TYR A 204 -3.97 -21.30 -19.87
N GLU A 205 -4.14 -20.45 -20.88
CA GLU A 205 -3.19 -20.35 -22.04
C GLU A 205 -2.95 -21.74 -22.64
N ASP A 206 -4.04 -22.42 -22.99
CA ASP A 206 -4.03 -23.76 -23.61
C ASP A 206 -3.17 -24.72 -22.78
N GLY A 207 -3.11 -24.58 -21.46
CA GLY A 207 -2.44 -25.55 -20.58
C GLY A 207 -1.03 -25.13 -20.20
N ALA A 208 -0.55 -23.98 -20.67
CA ALA A 208 0.86 -23.55 -20.45
C ALA A 208 1.03 -22.87 -19.09
N PHE A 209 -0.01 -22.30 -18.49
CA PHE A 209 0.11 -21.51 -17.23
C PHE A 209 0.06 -22.45 -16.04
N PHE A 210 0.80 -22.12 -14.97
CA PHE A 210 0.80 -22.94 -13.74
C PHE A 210 -0.66 -23.14 -13.32
N PRO A 211 -1.09 -24.35 -12.92
CA PRO A 211 -0.23 -25.53 -12.75
C PRO A 211 -0.04 -26.49 -13.95
N ASN A 212 -0.22 -25.99 -15.15
CA ASN A 212 0.27 -26.60 -16.42
C ASN A 212 -0.44 -27.89 -16.77
N SER A 213 -1.75 -28.00 -16.52
CA SER A 213 -2.52 -29.24 -16.77
C SER A 213 -3.83 -28.94 -17.53
N GLU A 214 -4.20 -29.82 -18.47
CA GLU A 214 -5.48 -29.80 -19.20
C GLU A 214 -6.65 -30.10 -18.24
N ASP A 215 -6.38 -30.49 -17.00
CA ASP A 215 -7.42 -30.65 -15.95
C ASP A 215 -8.19 -29.34 -15.79
N ALA A 216 -7.55 -28.21 -16.10
CA ALA A 216 -8.14 -26.86 -15.88
C ALA A 216 -9.05 -26.41 -17.05
N ASN A 217 -9.18 -27.19 -18.11
CA ASN A 217 -9.99 -26.77 -19.27
C ASN A 217 -11.51 -26.90 -19.00
N TYR A 218 -12.31 -26.25 -19.82
CA TYR A 218 -13.79 -26.11 -19.67
C TYR A 218 -14.48 -27.46 -19.80
N ASP A 219 -13.84 -28.44 -20.42
CA ASP A 219 -14.51 -29.74 -20.71
C ASP A 219 -14.43 -30.67 -19.49
N LYS A 220 -13.72 -30.29 -18.44
CA LYS A 220 -13.68 -31.06 -17.17
C LYS A 220 -14.86 -30.61 -16.31
N VAL A 221 -15.98 -31.35 -16.41
CA VAL A 221 -17.30 -30.95 -15.85
C VAL A 221 -17.59 -31.74 -14.58
N GLY A 222 -16.67 -32.62 -14.14
CA GLY A 222 -16.86 -33.49 -12.97
C GLY A 222 -17.12 -34.92 -13.40
N LEU A 223 -17.19 -35.83 -12.44
CA LEU A 223 -17.29 -37.29 -12.72
C LEU A 223 -18.42 -37.94 -11.92
N GLY A 224 -19.02 -38.99 -12.50
CA GLY A 224 -20.14 -39.70 -11.86
C GLY A 224 -21.23 -38.76 -11.38
N LYS A 225 -21.65 -38.83 -10.12
CA LYS A 225 -22.74 -37.94 -9.61
C LYS A 225 -22.23 -36.50 -9.55
N GLY A 226 -20.92 -36.30 -9.68
CA GLY A 226 -20.29 -34.97 -9.73
C GLY A 226 -20.39 -34.31 -11.09
N ARG A 227 -20.97 -34.98 -12.09
CA ARG A 227 -21.00 -34.37 -13.45
C ARG A 227 -21.90 -33.14 -13.43
N GLY A 228 -21.33 -32.01 -13.85
CA GLY A 228 -21.93 -30.69 -13.84
C GLY A 228 -21.52 -29.88 -12.61
N TYR A 229 -20.85 -30.46 -11.63
CA TYR A 229 -20.57 -29.74 -10.34
C TYR A 229 -19.10 -29.31 -10.26
N ASN A 230 -18.41 -29.31 -11.39
CA ASN A 230 -17.07 -28.72 -11.54
C ASN A 230 -17.06 -27.77 -12.76
N VAL A 231 -16.89 -26.48 -12.54
CA VAL A 231 -17.04 -25.45 -13.60
C VAL A 231 -15.71 -24.70 -13.73
N ASN A 232 -14.96 -25.01 -14.79
CA ASN A 232 -13.66 -24.38 -15.13
C ASN A 232 -13.94 -23.30 -16.17
N ILE A 233 -13.51 -22.08 -15.87
CA ILE A 233 -13.59 -20.92 -16.80
C ILE A 233 -12.17 -20.50 -17.14
N PRO A 234 -11.59 -21.05 -18.22
CA PRO A 234 -10.18 -20.86 -18.56
C PRO A 234 -10.02 -19.66 -19.52
N TRP A 235 -9.09 -18.78 -19.18
CA TRP A 235 -8.73 -17.60 -20.02
C TRP A 235 -7.54 -17.92 -20.91
N ASN A 236 -7.62 -17.48 -22.19
CA ASN A 236 -6.52 -17.68 -23.16
C ASN A 236 -6.26 -16.35 -23.90
N GLY A 237 -5.00 -16.01 -24.16
CA GLY A 237 -4.62 -14.87 -25.02
C GLY A 237 -5.33 -13.58 -24.65
N GLY A 238 -5.07 -13.01 -23.48
CA GLY A 238 -5.66 -11.72 -23.11
C GLY A 238 -5.40 -11.36 -21.66
N LYS A 239 -5.05 -10.10 -21.42
CA LYS A 239 -4.89 -9.49 -20.07
C LYS A 239 -6.30 -9.21 -19.55
N MET A 240 -6.93 -10.21 -18.93
CA MET A 240 -8.35 -10.12 -18.55
C MET A 240 -8.47 -9.19 -17.35
N GLY A 241 -9.62 -8.56 -17.20
CA GLY A 241 -9.89 -7.61 -16.11
C GLY A 241 -11.35 -7.53 -15.76
N ASP A 242 -11.76 -6.43 -15.19
CA ASP A 242 -13.13 -6.29 -14.67
C ASP A 242 -14.18 -6.71 -15.72
N PRO A 243 -14.13 -6.26 -16.99
CA PRO A 243 -15.22 -6.60 -17.91
C PRO A 243 -15.38 -8.11 -18.10
N GLU A 244 -14.29 -8.83 -18.20
CA GLU A 244 -14.24 -10.30 -18.43
C GLU A 244 -14.79 -11.03 -17.20
N TYR A 245 -14.38 -10.62 -16.01
CA TYR A 245 -14.84 -11.25 -14.75
C TYR A 245 -16.34 -10.93 -14.54
N MET A 246 -16.77 -9.70 -14.79
CA MET A 246 -18.20 -9.34 -14.69
C MET A 246 -19.00 -10.21 -15.68
N ALA A 247 -18.54 -10.40 -16.91
CA ALA A 247 -19.29 -11.16 -17.94
C ALA A 247 -19.38 -12.63 -17.49
N ALA A 248 -18.29 -13.16 -16.92
CA ALA A 248 -18.27 -14.58 -16.45
C ALA A 248 -19.27 -14.76 -15.30
N PHE A 249 -19.33 -13.82 -14.36
CA PHE A 249 -20.29 -13.86 -13.24
C PHE A 249 -21.70 -13.82 -13.78
N HIS A 250 -21.97 -12.90 -14.72
CA HIS A 250 -23.35 -12.68 -15.24
C HIS A 250 -23.86 -13.91 -15.97
N HIS A 251 -23.03 -14.53 -16.80
CA HIS A 251 -23.43 -15.60 -17.74
C HIS A 251 -23.31 -16.98 -17.09
N LEU A 252 -22.37 -17.19 -16.16
CA LEU A 252 -22.04 -18.55 -15.70
C LEU A 252 -22.10 -18.66 -14.19
N VAL A 253 -21.29 -17.89 -13.49
CA VAL A 253 -21.13 -18.13 -12.02
C VAL A 253 -22.49 -17.95 -11.35
N MET A 254 -23.16 -16.83 -11.56
CA MET A 254 -24.36 -16.54 -10.75
C MET A 254 -25.54 -17.42 -11.18
N PRO A 255 -25.81 -17.64 -12.50
CA PRO A 255 -26.93 -18.50 -12.86
C PRO A 255 -26.77 -19.92 -12.31
N ILE A 256 -25.57 -20.51 -12.47
CA ILE A 256 -25.31 -21.87 -11.91
C ILE A 256 -25.46 -21.80 -10.39
N ALA A 257 -24.81 -20.88 -9.70
CA ALA A 257 -24.88 -20.81 -8.22
C ALA A 257 -26.34 -20.75 -7.76
N ARG A 258 -27.16 -19.88 -8.36
CA ARG A 258 -28.56 -19.77 -7.94
C ARG A 258 -29.25 -21.11 -8.09
N GLU A 259 -29.02 -21.84 -9.19
CA GLU A 259 -29.69 -23.14 -9.42
C GLU A 259 -29.18 -24.19 -8.42
N PHE A 260 -27.90 -24.17 -8.06
CA PHE A 260 -27.34 -25.10 -7.06
C PHE A 260 -27.92 -24.79 -5.66
N ALA A 261 -28.23 -23.53 -5.37
CA ALA A 261 -28.81 -23.05 -4.09
C ALA A 261 -27.91 -23.43 -2.93
N PRO A 262 -26.69 -22.84 -2.87
CA PRO A 262 -25.76 -23.16 -1.79
C PRO A 262 -26.31 -22.71 -0.44
N GLU A 263 -25.89 -23.39 0.60
CA GLU A 263 -26.16 -23.04 2.02
C GLU A 263 -24.94 -22.39 2.64
N LEU A 264 -23.79 -22.46 1.97
CA LEU A 264 -22.56 -21.76 2.38
C LEU A 264 -21.72 -21.45 1.14
N VAL A 265 -21.13 -20.25 1.06
CA VAL A 265 -20.26 -19.87 -0.05
C VAL A 265 -18.86 -19.64 0.51
N LEU A 266 -17.89 -20.41 0.02
CA LEU A 266 -16.46 -20.21 0.34
C LEU A 266 -15.82 -19.55 -0.87
N VAL A 267 -15.03 -18.51 -0.65
CA VAL A 267 -14.29 -17.91 -1.78
C VAL A 267 -12.83 -18.24 -1.56
N SER A 268 -12.26 -18.94 -2.52
CA SER A 268 -10.81 -19.10 -2.63
C SER A 268 -10.33 -17.79 -3.26
N ALA A 269 -10.07 -16.79 -2.43
CA ALA A 269 -9.91 -15.38 -2.85
C ALA A 269 -8.39 -15.13 -2.97
N GLY A 270 -7.79 -15.60 -4.05
CA GLY A 270 -6.46 -15.12 -4.45
C GLY A 270 -6.62 -13.75 -5.08
N PHE A 271 -5.65 -12.86 -4.90
CA PHE A 271 -5.71 -11.53 -5.56
C PHE A 271 -4.56 -11.43 -6.55
N ASP A 272 -4.21 -12.54 -7.19
CA ASP A 272 -3.09 -12.54 -8.16
C ASP A 272 -3.63 -12.26 -9.57
N ALA A 273 -4.94 -12.09 -9.78
CA ALA A 273 -5.50 -11.54 -11.04
C ALA A 273 -5.52 -10.02 -10.98
N ALA A 274 -5.09 -9.41 -9.87
CA ALA A 274 -5.16 -7.95 -9.66
C ALA A 274 -4.17 -7.22 -10.58
N ARG A 275 -4.55 -6.04 -11.02
CA ARG A 275 -3.62 -5.05 -11.62
C ARG A 275 -2.41 -4.88 -10.67
N GLY A 276 -1.21 -5.10 -11.22
CA GLY A 276 0.10 -4.95 -10.55
C GLY A 276 0.69 -6.25 -10.02
N ASP A 277 -0.01 -7.38 -10.11
CA ASP A 277 0.56 -8.65 -9.59
C ASP A 277 1.78 -9.01 -10.43
N PRO A 278 2.90 -9.42 -9.81
CA PRO A 278 4.08 -9.78 -10.61
C PRO A 278 3.93 -11.11 -11.38
N LEU A 279 3.01 -12.00 -10.98
CA LEU A 279 2.90 -13.41 -11.45
C LEU A 279 1.68 -13.56 -12.35
N GLY A 280 0.60 -12.79 -12.15
CA GLY A 280 -0.70 -13.08 -12.77
C GLY A 280 -0.81 -12.55 -14.19
N GLY A 281 -0.37 -11.30 -14.39
CA GLY A 281 -0.45 -10.63 -15.70
C GLY A 281 -1.82 -10.12 -16.05
N PHE A 282 -2.75 -9.99 -15.09
CA PHE A 282 -4.15 -9.57 -15.36
C PHE A 282 -4.37 -8.19 -14.75
N GLN A 283 -5.58 -7.64 -14.86
CA GLN A 283 -5.86 -6.24 -14.45
C GLN A 283 -7.21 -6.11 -13.74
N VAL A 284 -7.62 -7.11 -12.92
CA VAL A 284 -8.82 -6.91 -12.10
C VAL A 284 -8.52 -5.81 -11.07
N THR A 285 -9.43 -4.87 -10.92
CA THR A 285 -9.24 -3.71 -10.02
C THR A 285 -9.85 -4.01 -8.65
N PRO A 286 -9.51 -3.25 -7.59
CA PRO A 286 -10.16 -3.46 -6.29
C PRO A 286 -11.69 -3.33 -6.37
N GLU A 287 -12.18 -2.37 -7.15
CA GLU A 287 -13.63 -2.15 -7.38
C GLU A 287 -14.21 -3.38 -8.06
N GLY A 288 -13.46 -4.00 -8.97
CA GLY A 288 -13.87 -5.25 -9.64
C GLY A 288 -14.11 -6.34 -8.58
N TYR A 289 -13.15 -6.53 -7.68
CA TYR A 289 -13.29 -7.51 -6.58
C TYR A 289 -14.52 -7.19 -5.72
N ALA A 290 -14.76 -5.91 -5.42
CA ALA A 290 -15.90 -5.50 -4.59
C ALA A 290 -17.19 -5.92 -5.30
N HIS A 291 -17.29 -5.69 -6.61
CA HIS A 291 -18.48 -6.11 -7.39
C HIS A 291 -18.66 -7.63 -7.30
N LEU A 292 -17.59 -8.43 -7.47
CA LEU A 292 -17.72 -9.91 -7.40
C LEU A 292 -18.21 -10.32 -6.00
N THR A 293 -17.66 -9.73 -4.94
CA THR A 293 -18.05 -10.05 -3.55
C THR A 293 -19.54 -9.74 -3.38
N HIS A 294 -19.95 -8.57 -3.83
CA HIS A 294 -21.33 -8.08 -3.66
C HIS A 294 -22.31 -9.02 -4.36
N GLN A 295 -21.96 -9.56 -5.53
CA GLN A 295 -22.82 -10.55 -6.23
C GLN A 295 -22.90 -11.85 -5.41
N LEU A 296 -21.80 -12.33 -4.84
CA LEU A 296 -21.85 -13.61 -4.09
C LEU A 296 -22.67 -13.42 -2.82
N MET A 297 -22.72 -12.19 -2.30
CA MET A 297 -23.50 -11.95 -1.07
C MET A 297 -25.00 -12.21 -1.31
N SER A 298 -25.46 -12.21 -2.56
CA SER A 298 -26.88 -12.51 -2.92
C SER A 298 -27.18 -14.02 -2.78
N LEU A 299 -26.20 -14.87 -2.53
CA LEU A 299 -26.37 -16.35 -2.39
C LEU A 299 -26.37 -16.77 -0.93
N ALA A 300 -26.98 -17.92 -0.63
CA ALA A 300 -26.91 -18.64 0.67
C ALA A 300 -27.31 -17.71 1.82
N ALA A 301 -28.26 -16.80 1.58
CA ALA A 301 -28.73 -15.84 2.60
C ALA A 301 -27.52 -15.10 3.18
N GLY A 302 -26.55 -14.80 2.30
CA GLY A 302 -25.38 -13.97 2.67
C GLY A 302 -24.28 -14.73 3.41
N ARG A 303 -24.36 -16.05 3.53
CA ARG A 303 -23.34 -16.85 4.27
C ARG A 303 -22.13 -17.08 3.38
N VAL A 304 -21.21 -16.11 3.40
CA VAL A 304 -19.98 -16.03 2.59
C VAL A 304 -18.75 -15.91 3.51
N LEU A 305 -17.79 -16.77 3.28
CA LEU A 305 -16.45 -16.74 3.90
C LEU A 305 -15.42 -16.50 2.81
N ILE A 306 -14.70 -15.39 2.89
CA ILE A 306 -13.58 -15.06 1.97
C ILE A 306 -12.26 -15.52 2.58
N ILE A 307 -11.56 -16.41 1.90
CA ILE A 307 -10.30 -17.05 2.35
C ILE A 307 -9.15 -16.61 1.45
N LEU A 308 -8.12 -15.96 2.02
CA LEU A 308 -6.99 -15.51 1.17
C LEU A 308 -6.28 -16.73 0.57
N GLU A 309 -6.04 -16.71 -0.73
CA GLU A 309 -5.18 -17.71 -1.41
C GLU A 309 -3.89 -16.98 -1.86
N GLY A 310 -3.65 -16.85 -3.16
CA GLY A 310 -2.51 -16.11 -3.73
C GLY A 310 -2.69 -14.61 -3.81
N GLY A 311 -1.81 -13.95 -4.55
CA GLY A 311 -1.72 -12.48 -4.59
C GLY A 311 -0.40 -12.00 -3.97
N TYR A 312 0.45 -11.37 -4.78
CA TYR A 312 1.88 -11.16 -4.43
C TYR A 312 2.26 -9.68 -4.52
N ASN A 313 1.42 -8.80 -5.02
CA ASN A 313 1.70 -7.34 -4.95
C ASN A 313 1.09 -6.84 -3.63
N LEU A 314 1.93 -6.54 -2.64
CA LEU A 314 1.47 -6.25 -1.27
C LEU A 314 0.45 -5.10 -1.28
N THR A 315 0.66 -4.06 -2.07
CA THR A 315 -0.29 -2.92 -2.12
C THR A 315 -1.61 -3.38 -2.76
N SER A 316 -1.54 -4.14 -3.86
CA SER A 316 -2.73 -4.62 -4.63
C SER A 316 -3.58 -5.51 -3.73
N ILE A 317 -2.96 -6.51 -3.09
CA ILE A 317 -3.75 -7.46 -2.27
C ILE A 317 -4.37 -6.72 -1.09
N SER A 318 -3.67 -5.76 -0.50
CA SER A 318 -4.18 -5.03 0.70
C SER A 318 -5.40 -4.20 0.30
N GLU A 319 -5.37 -3.54 -0.85
CA GLU A 319 -6.52 -2.72 -1.32
C GLU A 319 -7.68 -3.66 -1.73
N SER A 320 -7.38 -4.74 -2.42
CA SER A 320 -8.41 -5.66 -2.97
C SER A 320 -9.14 -6.38 -1.83
N MET A 321 -8.42 -7.01 -0.90
CA MET A 321 -9.08 -7.74 0.18
C MET A 321 -9.85 -6.76 1.08
N SER A 322 -9.32 -5.57 1.35
CA SER A 322 -10.05 -4.55 2.14
CA SER A 322 -10.07 -4.57 2.17
C SER A 322 -11.36 -4.17 1.46
N MET A 323 -11.37 -4.03 0.13
CA MET A 323 -12.59 -3.68 -0.64
C MET A 323 -13.60 -4.82 -0.44
N CYS A 324 -13.12 -6.05 -0.41
CA CYS A 324 -14.04 -7.20 -0.22
C CYS A 324 -14.66 -7.12 1.17
N THR A 325 -13.85 -6.89 2.20
CA THR A 325 -14.40 -6.80 3.57
C THR A 325 -15.45 -5.67 3.63
N SER A 326 -15.13 -4.53 3.02
N SER A 326 -15.15 -4.54 3.01
CA SER A 326 -16.05 -3.36 2.94
CA SER A 326 -16.08 -3.37 3.01
C SER A 326 -17.42 -3.81 2.42
C SER A 326 -17.42 -3.80 2.40
N MET A 327 -17.42 -4.64 1.38
CA MET A 327 -18.69 -5.15 0.78
C MET A 327 -19.38 -6.07 1.79
N LEU A 328 -18.66 -6.99 2.42
CA LEU A 328 -19.26 -7.89 3.44
C LEU A 328 -19.94 -7.08 4.54
N LEU A 329 -19.36 -5.92 4.91
CA LEU A 329 -19.88 -5.01 5.98
C LEU A 329 -21.11 -4.20 5.52
N GLY A 330 -21.47 -4.26 4.24
CA GLY A 330 -22.69 -3.65 3.70
C GLY A 330 -22.45 -2.35 2.98
N ASP A 331 -21.20 -1.97 2.70
CA ASP A 331 -20.93 -0.70 1.98
C ASP A 331 -21.36 -0.88 0.52
N SER A 332 -21.76 0.21 -0.14
CA SER A 332 -22.30 0.12 -1.52
C SER A 332 -21.14 -0.12 -2.47
N PRO A 333 -21.27 -0.98 -3.50
CA PRO A 333 -20.16 -1.22 -4.39
C PRO A 333 -19.73 0.09 -5.01
N PRO A 334 -18.42 0.35 -5.20
CA PRO A 334 -17.97 1.57 -5.87
C PRO A 334 -18.15 1.35 -7.38
N SER A 335 -18.47 2.40 -8.14
CA SER A 335 -18.76 2.30 -9.60
C SER A 335 -17.50 1.85 -10.36
N LEU A 336 -17.71 1.19 -11.49
CA LEU A 336 -16.64 0.62 -12.36
C LEU A 336 -16.39 1.55 -13.54
N ASP A 337 -15.50 2.52 -13.34
CA ASP A 337 -15.08 3.47 -14.39
C ASP A 337 -14.01 2.74 -15.22
N HIS A 338 -13.87 3.12 -16.49
CA HIS A 338 -12.80 2.65 -17.43
C HIS A 338 -13.10 1.21 -17.88
N LEU A 339 -14.37 0.88 -18.13
CA LEU A 339 -14.76 -0.48 -18.61
C LEU A 339 -14.61 -0.54 -20.13
N THR A 340 -13.44 -0.99 -20.60
CA THR A 340 -13.16 -1.38 -22.00
C THR A 340 -14.18 -2.42 -22.46
N PRO A 341 -14.41 -2.60 -23.78
CA PRO A 341 -15.37 -3.60 -24.24
C PRO A 341 -14.77 -4.99 -24.03
N LEU A 342 -15.62 -5.99 -23.86
CA LEU A 342 -15.24 -7.39 -23.52
C LEU A 342 -14.25 -7.94 -24.54
N LYS A 343 -13.13 -8.50 -24.11
CA LYS A 343 -12.15 -9.12 -25.05
C LYS A 343 -12.79 -10.31 -25.77
N THR A 344 -12.52 -10.43 -27.06
CA THR A 344 -13.01 -11.53 -27.90
C THR A 344 -12.65 -12.87 -27.27
N SER A 345 -11.39 -13.07 -26.86
CA SER A 345 -10.96 -14.39 -26.35
CA SER A 345 -10.94 -14.39 -26.34
C SER A 345 -11.81 -14.77 -25.14
N ALA A 346 -12.19 -13.78 -24.32
CA ALA A 346 -13.02 -13.99 -23.10
C ALA A 346 -14.44 -14.42 -23.51
N THR A 347 -15.03 -13.79 -24.53
CA THR A 347 -16.32 -14.23 -25.06
C THR A 347 -16.25 -15.70 -25.50
N VAL A 348 -15.18 -16.10 -26.16
CA VAL A 348 -15.02 -17.51 -26.60
C VAL A 348 -14.98 -18.46 -25.38
N SER A 349 -14.19 -18.12 -24.36
CA SER A 349 -14.05 -18.97 -23.14
C SER A 349 -15.44 -19.18 -22.52
N ILE A 350 -16.17 -18.08 -22.38
CA ILE A 350 -17.50 -18.07 -21.73
C ILE A 350 -18.43 -18.91 -22.56
N ASN A 351 -18.42 -18.71 -23.89
CA ASN A 351 -19.33 -19.52 -24.76
C ASN A 351 -19.02 -21.01 -24.63
N ASN A 352 -17.75 -21.39 -24.54
CA ASN A 352 -17.32 -22.81 -24.52
C ASN A 352 -17.76 -23.43 -23.18
N VAL A 353 -17.72 -22.65 -22.10
CA VAL A 353 -18.16 -23.17 -20.76
C VAL A 353 -19.68 -23.33 -20.77
N LEU A 354 -20.39 -22.35 -21.33
CA LEU A 354 -21.87 -22.42 -21.47
C LEU A 354 -22.24 -23.70 -22.21
N ARG A 355 -21.56 -23.99 -23.31
CA ARG A 355 -21.91 -25.20 -24.08
C ARG A 355 -21.61 -26.45 -23.26
N ALA A 356 -20.47 -26.51 -22.57
CA ALA A 356 -20.10 -27.69 -21.73
C ALA A 356 -21.11 -27.93 -20.59
N HIS A 357 -21.72 -26.89 -20.02
CA HIS A 357 -22.53 -26.97 -18.77
C HIS A 357 -24.03 -26.89 -19.05
N ALA A 358 -24.44 -26.48 -20.25
CA ALA A 358 -25.86 -26.38 -20.65
C ALA A 358 -26.57 -27.71 -20.42
N PRO A 359 -25.96 -28.90 -20.67
CA PRO A 359 -26.65 -30.17 -20.44
C PRO A 359 -27.00 -30.35 -18.94
N PHE A 360 -26.36 -29.66 -18.02
CA PHE A 360 -26.45 -29.97 -16.56
C PHE A 360 -27.25 -28.94 -15.80
N TRP A 361 -27.39 -27.75 -16.35
CA TRP A 361 -28.01 -26.62 -15.64
C TRP A 361 -29.13 -26.06 -16.51
N SER A 362 -30.35 -26.12 -16.01
CA SER A 362 -31.52 -25.68 -16.80
C SER A 362 -31.45 -24.16 -16.94
N SER A 363 -30.76 -23.44 -16.04
CA SER A 363 -30.63 -21.97 -16.12
C SER A 363 -29.75 -21.59 -17.32
N LEU A 364 -28.98 -22.51 -17.93
CA LEU A 364 -28.10 -22.20 -19.09
C LEU A 364 -28.74 -22.65 -20.41
N ARG A 365 -29.76 -23.51 -20.39
CA ARG A 365 -30.39 -23.98 -21.65
C ARG A 365 -31.26 -22.87 -22.24
N PRO B 9 21.25 11.94 -18.57
CA PRO B 9 20.82 12.22 -17.17
C PRO B 9 19.35 11.85 -16.88
N ILE B 10 19.12 11.13 -15.79
CA ILE B 10 17.76 10.68 -15.40
C ILE B 10 17.39 11.25 -14.02
N THR B 11 16.59 10.55 -13.25
CA THR B 11 16.14 10.98 -11.91
C THR B 11 17.03 10.25 -10.88
N GLY B 12 17.57 10.97 -9.92
CA GLY B 12 18.29 10.40 -8.79
C GLY B 12 17.34 9.99 -7.68
N LEU B 13 17.67 8.92 -6.99
CA LEU B 13 16.90 8.49 -5.81
C LEU B 13 17.86 8.13 -4.68
N VAL B 14 17.60 8.70 -3.52
CA VAL B 14 18.33 8.32 -2.29
C VAL B 14 17.36 7.70 -1.25
N TYR B 15 17.77 6.54 -0.75
CA TYR B 15 17.08 5.77 0.30
C TYR B 15 18.13 4.92 1.00
N ASP B 16 18.16 4.99 2.32
CA ASP B 16 19.07 4.12 3.10
C ASP B 16 18.32 3.59 4.30
N GLN B 17 18.28 2.28 4.46
CA GLN B 17 17.45 1.67 5.51
C GLN B 17 18.02 2.02 6.90
N ARG B 18 19.27 2.49 7.00
CA ARG B 18 19.82 2.96 8.31
C ARG B 18 18.99 4.07 8.90
N MET B 19 18.28 4.85 8.06
CA MET B 19 17.43 5.94 8.62
C MET B 19 16.20 5.34 9.32
N MET B 20 15.98 4.02 9.27
CA MET B 20 14.87 3.41 10.04
C MET B 20 15.25 3.26 11.53
N LEU B 21 16.51 3.43 11.91
CA LEU B 21 16.96 3.07 13.29
C LEU B 21 16.44 4.10 14.31
N HIS B 22 16.18 5.33 13.91
CA HIS B 22 15.53 6.38 14.74
C HIS B 22 14.13 5.89 15.11
N HIS B 23 13.83 5.73 16.41
CA HIS B 23 12.54 5.19 16.88
C HIS B 23 12.19 5.75 18.26
N ASN B 24 10.91 5.60 18.60
CA ASN B 24 10.32 6.08 19.86
C ASN B 24 10.31 4.88 20.82
N MET B 25 11.25 4.82 21.75
CA MET B 25 11.33 3.63 22.64
C MET B 25 10.19 3.63 23.68
N TRP B 26 9.41 4.71 23.85
CA TRP B 26 8.31 4.78 24.87
C TRP B 26 6.92 4.69 24.24
N ASP B 27 6.82 4.67 22.90
CA ASP B 27 5.52 4.76 22.17
C ASP B 27 5.78 4.21 20.77
N SER B 28 5.81 2.89 20.66
CA SER B 28 6.10 2.17 19.40
C SER B 28 5.06 2.53 18.32
N HIS B 29 3.92 3.10 18.69
CA HIS B 29 2.80 3.49 17.77
C HIS B 29 2.86 4.97 17.37
N HIS B 30 3.88 5.71 17.80
CA HIS B 30 4.05 7.13 17.38
C HIS B 30 3.98 7.16 15.86
N PRO B 31 3.23 8.10 15.21
CA PRO B 31 3.05 8.06 13.75
C PRO B 31 4.31 8.32 12.91
N GLU B 32 5.38 8.90 13.49
CA GLU B 32 6.66 9.11 12.75
C GLU B 32 7.41 7.76 12.79
N LEU B 33 6.91 6.78 12.04
CA LEU B 33 7.39 5.36 12.12
C LEU B 33 8.60 5.14 11.23
N PRO B 34 9.53 4.27 11.67
CA PRO B 34 10.60 3.81 10.80
C PRO B 34 10.11 3.31 9.43
N GLN B 35 8.97 2.62 9.36
CA GLN B 35 8.53 1.98 8.10
C GLN B 35 7.86 3.00 7.15
N ARG B 36 7.77 4.29 7.52
CA ARG B 36 7.39 5.34 6.53
C ARG B 36 8.32 5.19 5.32
N ILE B 37 9.63 5.16 5.54
CA ILE B 37 10.58 5.23 4.39
C ILE B 37 10.63 3.85 3.70
N SER B 38 10.59 2.72 4.41
CA SER B 38 10.67 1.38 3.76
C SER B 38 9.42 1.11 2.93
N ARG B 39 8.26 1.58 3.37
CA ARG B 39 7.01 1.42 2.61
C ARG B 39 7.08 2.29 1.36
N ILE B 40 7.60 3.51 1.47
CA ILE B 40 7.72 4.34 0.23
C ILE B 40 8.65 3.62 -0.76
N PHE B 41 9.78 3.13 -0.26
CA PHE B 41 10.79 2.45 -1.10
C PHE B 41 10.16 1.22 -1.76
N SER B 42 9.43 0.40 -1.00
CA SER B 42 8.77 -0.83 -1.51
CA SER B 42 8.76 -0.83 -1.50
C SER B 42 7.78 -0.50 -2.64
N ARG B 43 7.05 0.61 -2.51
CA ARG B 43 6.10 1.05 -3.54
C ARG B 43 6.84 1.42 -4.82
N HIS B 44 8.00 2.06 -4.73
CA HIS B 44 8.85 2.35 -5.92
C HIS B 44 9.24 1.05 -6.59
N GLU B 45 9.62 0.02 -5.83
CA GLU B 45 9.97 -1.30 -6.41
C GLU B 45 8.76 -1.88 -7.13
N GLU B 46 7.59 -1.92 -6.50
CA GLU B 46 6.35 -2.51 -7.07
C GLU B 46 6.05 -1.84 -8.41
N LEU B 47 6.21 -0.51 -8.49
CA LEU B 47 5.84 0.28 -9.69
C LEU B 47 6.99 0.24 -10.70
N ARG B 48 8.09 -0.46 -10.38
CA ARG B 48 9.32 -0.58 -11.21
C ARG B 48 9.89 0.80 -11.52
N LEU B 49 9.75 1.76 -10.60
CA LEU B 49 10.35 3.10 -10.72
C LEU B 49 11.81 3.02 -10.30
N LEU B 50 12.17 2.12 -9.39
CA LEU B 50 13.53 2.13 -8.80
C LEU B 50 14.57 1.86 -9.89
N SER B 51 14.33 0.90 -10.78
CA SER B 51 15.29 0.51 -11.84
C SER B 51 15.42 1.62 -12.91
N ARG B 52 14.52 2.60 -12.92
CA ARG B 52 14.55 3.72 -13.88
C ARG B 52 15.34 4.91 -13.31
N CYS B 53 15.66 4.88 -12.01
CA CYS B 53 16.39 5.94 -11.28
C CYS B 53 17.87 5.64 -11.14
N HIS B 54 18.64 6.71 -10.99
CA HIS B 54 20.07 6.64 -10.64
C HIS B 54 20.18 6.66 -9.12
N ARG B 55 20.69 5.57 -8.54
CA ARG B 55 20.78 5.49 -7.08
C ARG B 55 21.93 6.38 -6.63
N ILE B 56 21.63 7.33 -5.78
CA ILE B 56 22.59 8.26 -5.15
C ILE B 56 22.85 7.74 -3.75
N PRO B 57 24.10 7.53 -3.34
CA PRO B 57 24.38 7.03 -2.00
C PRO B 57 24.00 8.06 -0.94
N ALA B 58 23.56 7.58 0.22
CA ALA B 58 23.44 8.40 1.44
C ALA B 58 24.86 8.67 1.94
N ARG B 59 25.02 9.76 2.66
CA ARG B 59 26.23 10.01 3.48
C ARG B 59 25.81 10.77 4.72
N LEU B 60 26.69 10.82 5.73
CA LEU B 60 26.49 11.69 6.90
C LEU B 60 26.79 13.12 6.49
N ALA B 61 25.96 14.06 6.92
CA ALA B 61 26.32 15.48 6.96
C ALA B 61 27.52 15.60 7.91
N THR B 62 28.38 16.58 7.68
CA THR B 62 29.43 16.95 8.67
C THR B 62 28.88 17.98 9.65
N GLU B 63 29.52 18.13 10.81
CA GLU B 63 29.14 19.15 11.80
C GLU B 63 29.31 20.55 11.20
N GLU B 64 30.30 20.72 10.35
CA GLU B 64 30.57 22.00 9.64
C GLU B 64 29.36 22.32 8.73
N GLU B 65 28.81 21.31 8.04
CA GLU B 65 27.64 21.50 7.16
C GLU B 65 26.43 21.84 8.00
N LEU B 66 26.25 21.20 9.16
CA LEU B 66 25.11 21.53 10.04
C LEU B 66 25.21 22.99 10.47
N ALA B 67 26.43 23.54 10.63
CA ALA B 67 26.61 24.93 11.07
C ALA B 67 26.22 25.92 9.96
N LEU B 68 25.93 25.49 8.73
CA LEU B 68 25.36 26.41 7.71
C LEU B 68 24.08 27.04 8.25
N CYS B 69 23.30 26.32 9.06
CA CYS B 69 22.01 26.83 9.56
C CYS B 69 21.86 26.71 11.08
N HIS B 70 22.60 25.84 11.77
CA HIS B 70 22.33 25.57 13.21
C HIS B 70 23.47 26.08 14.13
N SER B 71 23.10 26.45 15.35
CA SER B 71 24.06 26.91 16.38
C SER B 71 24.96 25.75 16.79
N SER B 72 26.18 26.05 17.25
CA SER B 72 27.10 25.01 17.76
C SER B 72 26.49 24.34 18.99
N LYS B 73 25.73 25.07 19.80
CA LYS B 73 25.08 24.55 21.03
C LYS B 73 24.03 23.50 20.65
N HIS B 74 23.19 23.80 19.65
CA HIS B 74 22.12 22.86 19.20
C HIS B 74 22.75 21.58 18.67
N ILE B 75 23.78 21.71 17.82
CA ILE B 75 24.52 20.56 17.20
C ILE B 75 25.13 19.71 18.32
N SER B 76 25.78 20.35 19.29
N SER B 76 25.78 20.34 19.29
CA SER B 76 26.45 19.65 20.41
CA SER B 76 26.47 19.65 20.41
C SER B 76 25.45 18.83 21.24
C SER B 76 25.47 18.85 21.27
N ILE B 77 24.32 19.42 21.62
CA ILE B 77 23.27 18.74 22.43
C ILE B 77 22.73 17.51 21.67
N ILE B 78 22.37 17.66 20.41
CA ILE B 78 21.77 16.51 19.68
C ILE B 78 22.86 15.46 19.50
N LYS B 79 24.08 15.88 19.19
CA LYS B 79 25.21 14.94 19.00
C LYS B 79 25.40 14.13 20.29
N SER B 80 25.24 14.73 21.46
CA SER B 80 25.52 14.07 22.76
C SER B 80 24.51 12.95 23.01
N SER B 81 23.34 13.01 22.35
CA SER B 81 22.23 12.03 22.55
C SER B 81 22.67 10.66 22.05
N GLU B 82 23.71 10.56 21.22
CA GLU B 82 24.19 9.26 20.69
C GLU B 82 24.57 8.34 21.87
N HIS B 83 25.08 8.91 22.96
CA HIS B 83 25.72 8.16 24.08
C HIS B 83 24.85 8.16 25.34
N MET B 84 23.60 8.63 25.28
CA MET B 84 22.71 8.73 26.48
C MET B 84 22.02 7.40 26.81
N LYS B 85 21.83 7.14 28.11
CA LYS B 85 20.94 6.09 28.64
C LYS B 85 19.50 6.53 28.40
N PRO B 86 18.52 5.59 28.38
CA PRO B 86 17.12 5.93 28.10
C PRO B 86 16.54 7.05 28.97
N ARG B 87 16.86 7.04 30.27
CA ARG B 87 16.35 8.07 31.21
C ARG B 87 16.72 9.46 30.66
N ASP B 88 17.98 9.64 30.23
CA ASP B 88 18.49 10.95 29.79
C ASP B 88 17.89 11.28 28.42
N LEU B 89 17.72 10.29 27.54
CA LEU B 89 17.08 10.51 26.19
C LEU B 89 15.65 11.03 26.40
N ASN B 90 14.94 10.43 27.34
CA ASN B 90 13.53 10.79 27.64
C ASN B 90 13.47 12.25 28.11
N ARG B 91 14.33 12.60 29.06
CA ARG B 91 14.37 13.97 29.63
C ARG B 91 14.83 14.95 28.53
N LEU B 92 15.81 14.59 27.71
CA LEU B 92 16.29 15.51 26.65
C LEU B 92 15.13 15.76 25.65
N GLY B 93 14.42 14.71 25.22
CA GLY B 93 13.26 14.83 24.32
C GLY B 93 12.20 15.76 24.87
N ASP B 94 12.02 15.72 26.19
CA ASP B 94 10.98 16.51 26.89
C ASP B 94 11.38 17.99 26.92
N GLU B 95 12.61 18.36 26.62
CA GLU B 95 12.99 19.80 26.57
C GLU B 95 12.44 20.46 25.30
N TYR B 96 11.99 19.68 24.31
CA TYR B 96 11.46 20.24 23.04
C TYR B 96 9.97 20.00 22.92
N ASN B 97 9.38 20.68 21.95
CA ASN B 97 7.98 20.50 21.53
C ASN B 97 7.93 19.33 20.54
N SER B 98 7.32 18.22 20.94
CA SER B 98 7.00 17.08 20.03
C SER B 98 8.28 16.45 19.46
N ILE B 99 9.15 15.95 20.33
CA ILE B 99 10.40 15.28 19.91
C ILE B 99 10.52 13.99 20.72
N PHE B 100 10.89 12.90 20.05
CA PHE B 100 11.44 11.69 20.70
C PHE B 100 12.85 11.44 20.18
N ILE B 101 13.68 10.84 21.02
CA ILE B 101 15.11 10.60 20.69
C ILE B 101 15.51 9.19 21.11
N SER B 102 16.21 8.50 20.22
CA SER B 102 16.93 7.25 20.52
C SER B 102 18.43 7.46 20.30
N ASN B 103 19.25 6.47 20.64
CA ASN B 103 20.73 6.56 20.47
C ASN B 103 21.09 6.66 18.98
N GLU B 104 20.18 6.34 18.07
CA GLU B 104 20.47 6.38 16.61
C GLU B 104 19.87 7.63 15.94
N SER B 105 19.15 8.48 16.68
CA SER B 105 18.46 9.70 16.13
C SER B 105 19.46 10.66 15.45
N TYR B 106 20.52 11.07 16.15
CA TYR B 106 21.54 12.00 15.58
C TYR B 106 22.08 11.46 14.25
N THR B 107 22.56 10.21 14.22
CA THR B 107 23.07 9.59 12.97
C THR B 107 22.00 9.60 11.87
N CYS B 108 20.73 9.32 12.19
CA CYS B 108 19.67 9.29 11.15
C CYS B 108 19.50 10.69 10.56
N ALA B 109 19.51 11.70 11.43
CA ALA B 109 19.37 13.12 11.06
C ALA B 109 20.55 13.54 10.18
N LEU B 110 21.76 13.07 10.49
CA LEU B 110 22.97 13.33 9.68
C LEU B 110 22.79 12.69 8.30
N LEU B 111 22.31 11.45 8.26
CA LEU B 111 22.12 10.73 6.95
C LEU B 111 21.07 11.46 6.12
N ALA B 112 19.97 11.88 6.73
CA ALA B 112 18.87 12.58 6.01
C ALA B 112 19.48 13.80 5.31
N ALA B 113 20.27 14.60 6.02
CA ALA B 113 20.84 15.85 5.46
C ALA B 113 21.87 15.52 4.38
N GLY B 114 22.78 14.59 4.67
CA GLY B 114 23.88 14.22 3.75
C GLY B 114 23.37 13.61 2.47
N SER B 115 22.29 12.84 2.55
CA SER B 115 21.58 12.26 1.37
C SER B 115 21.11 13.40 0.45
N CYS B 116 20.49 14.43 1.04
CA CYS B 116 19.98 15.60 0.28
C CYS B 116 21.14 16.40 -0.32
N PHE B 117 22.27 16.55 0.40
CA PHE B 117 23.48 17.22 -0.13
C PHE B 117 23.98 16.47 -1.38
N ASN B 118 24.15 15.16 -1.30
CA ASN B 118 24.60 14.38 -2.48
C ASN B 118 23.63 14.57 -3.64
N SER B 119 22.33 14.62 -3.37
CA SER B 119 21.29 14.77 -4.42
C SER B 119 21.41 16.16 -5.08
N ALA B 120 21.48 17.21 -4.27
CA ALA B 120 21.63 18.60 -4.77
C ALA B 120 22.93 18.72 -5.59
N GLN B 121 24.00 18.06 -5.16
CA GLN B 121 25.29 18.12 -5.91
C GLN B 121 25.12 17.43 -7.26
N ALA B 122 24.42 16.29 -7.30
CA ALA B 122 24.18 15.53 -8.55
C ALA B 122 23.34 16.40 -9.51
N ILE B 123 22.33 17.10 -9.01
CA ILE B 123 21.49 18.00 -9.83
C ILE B 123 22.32 19.18 -10.36
N LEU B 124 23.06 19.88 -9.51
CA LEU B 124 23.74 21.12 -9.88
C LEU B 124 24.92 20.87 -10.84
N THR B 125 25.55 19.71 -10.76
CA THR B 125 26.63 19.29 -11.70
C THR B 125 26.06 18.71 -12.98
N GLY B 126 24.77 18.41 -13.04
CA GLY B 126 24.12 17.85 -14.23
C GLY B 126 24.35 16.35 -14.36
N GLN B 127 24.72 15.65 -13.28
CA GLN B 127 24.80 14.16 -13.26
C GLN B 127 23.39 13.57 -13.34
N VAL B 128 22.40 14.24 -12.74
CA VAL B 128 20.97 13.85 -12.85
C VAL B 128 20.17 15.11 -13.20
N ARG B 129 18.97 14.92 -13.74
CA ARG B 129 18.10 16.05 -14.10
C ARG B 129 17.34 16.51 -12.86
N ASN B 130 17.03 15.60 -11.95
CA ASN B 130 16.17 15.89 -10.78
C ASN B 130 16.33 14.71 -9.82
N ALA B 131 15.76 14.79 -8.62
CA ALA B 131 15.96 13.71 -7.64
C ALA B 131 14.86 13.67 -6.58
N VAL B 132 14.75 12.51 -5.93
CA VAL B 132 13.84 12.30 -4.80
C VAL B 132 14.66 11.75 -3.64
N ALA B 133 14.39 12.24 -2.42
CA ALA B 133 15.11 11.78 -1.22
C ALA B 133 14.08 11.20 -0.25
N ILE B 134 14.13 9.88 -0.07
CA ILE B 134 13.20 9.14 0.81
C ILE B 134 13.89 9.04 2.19
N VAL B 135 13.68 10.04 3.04
CA VAL B 135 14.54 10.27 4.24
C VAL B 135 13.67 10.53 5.44
N ARG B 136 14.20 10.21 6.63
CA ARG B 136 13.61 10.60 7.94
C ARG B 136 14.79 10.64 8.91
N PRO B 137 14.71 11.33 10.05
CA PRO B 137 13.58 12.17 10.42
C PRO B 137 13.38 13.38 9.51
N PRO B 138 12.19 14.00 9.55
CA PRO B 138 11.97 15.23 8.79
C PRO B 138 12.75 16.46 9.33
N GLY B 139 12.64 17.61 8.65
CA GLY B 139 13.48 18.79 8.91
C GLY B 139 12.76 20.12 9.15
N HIS B 140 11.58 20.38 8.60
CA HIS B 140 11.14 21.79 8.35
C HIS B 140 10.77 22.56 9.63
N HIS B 141 10.51 21.90 10.75
CA HIS B 141 10.24 22.58 12.06
C HIS B 141 11.54 22.90 12.82
N ALA B 142 12.68 22.33 12.42
CA ALA B 142 13.96 22.56 13.13
C ALA B 142 14.44 23.99 12.90
N GLU B 143 14.76 24.67 14.00
CA GLU B 143 15.18 26.09 14.02
C GLU B 143 16.70 26.14 14.16
N LYS B 144 17.30 27.32 13.99
CA LYS B 144 18.76 27.46 14.17
C LYS B 144 19.16 26.83 15.53
N ASP B 145 18.44 27.12 16.62
CA ASP B 145 18.87 26.73 18.00
C ASP B 145 18.06 25.58 18.59
N THR B 146 17.08 24.98 17.91
CA THR B 146 16.23 23.99 18.63
C THR B 146 15.61 22.96 17.67
N ALA B 147 15.34 21.79 18.21
CA ALA B 147 14.57 20.71 17.54
C ALA B 147 13.08 20.90 17.85
N CYS B 148 12.21 20.42 16.99
CA CYS B 148 10.77 20.70 17.10
C CYS B 148 10.00 19.77 16.17
N GLY B 149 8.83 19.28 16.59
CA GLY B 149 7.87 18.66 15.65
C GLY B 149 8.48 17.52 14.83
N PHE B 150 9.19 16.62 15.50
CA PHE B 150 9.82 15.40 14.94
C PHE B 150 11.11 15.72 14.15
N CYS B 151 11.59 16.95 14.16
CA CYS B 151 12.70 17.45 13.31
C CYS B 151 13.87 17.85 14.21
N PHE B 152 15.10 17.41 13.88
CA PHE B 152 16.35 17.76 14.62
C PHE B 152 17.14 18.86 13.89
N PHE B 153 17.36 18.70 12.58
CA PHE B 153 18.09 19.69 11.76
C PHE B 153 17.24 19.97 10.53
N ASN B 154 17.35 21.17 9.99
CA ASN B 154 16.44 21.57 8.91
C ASN B 154 17.03 21.16 7.57
N THR B 155 16.73 19.94 7.15
CA THR B 155 17.33 19.30 5.97
C THR B 155 17.16 20.20 4.74
N ALA B 156 15.96 20.71 4.48
CA ALA B 156 15.72 21.54 3.28
C ALA B 156 16.55 22.83 3.34
N ALA B 157 16.57 23.51 4.48
CA ALA B 157 17.31 24.78 4.63
C ALA B 157 18.80 24.51 4.48
N LEU B 158 19.28 23.42 5.10
CA LEU B 158 20.71 23.05 4.97
C LEU B 158 21.04 22.77 3.52
N THR B 159 20.16 22.07 2.82
CA THR B 159 20.40 21.75 1.40
C THR B 159 20.47 23.03 0.55
N ALA B 160 19.65 24.04 0.81
CA ALA B 160 19.72 25.37 0.15
C ALA B 160 21.10 26.02 0.38
N ARG B 161 21.54 26.08 1.62
CA ARG B 161 22.85 26.68 1.95
C ARG B 161 23.98 25.82 1.36
N TYR B 162 23.84 24.51 1.36
CA TYR B 162 24.88 23.61 0.81
C TYR B 162 25.03 23.91 -0.68
N ALA B 163 23.90 24.04 -1.36
CA ALA B 163 23.85 24.34 -2.81
C ALA B 163 24.59 25.65 -3.05
N GLN B 164 24.34 26.67 -2.22
CA GLN B 164 25.01 27.99 -2.35
C GLN B 164 26.50 27.83 -2.11
N SER B 165 26.89 26.93 -1.20
CA SER B 165 28.30 26.67 -0.83
C SER B 165 29.07 26.04 -1.99
N ILE B 166 28.47 25.24 -2.85
CA ILE B 166 29.20 24.58 -3.95
C ILE B 166 29.00 25.30 -5.26
N THR B 167 28.25 26.40 -5.26
CA THR B 167 28.03 27.22 -6.48
C THR B 167 28.47 28.63 -6.15
N ARG B 168 27.53 29.52 -5.85
CA ARG B 168 27.80 30.90 -5.42
C ARG B 168 26.76 31.26 -4.37
N GLU B 169 27.12 32.15 -3.45
CA GLU B 169 26.27 32.51 -2.29
C GLU B 169 24.91 33.04 -2.77
N SER B 170 24.82 33.68 -3.93
CA SER B 170 23.54 34.29 -4.41
C SER B 170 22.70 33.34 -5.29
N LEU B 171 23.06 32.07 -5.44
CA LEU B 171 22.25 31.07 -6.20
C LEU B 171 20.80 31.16 -5.72
N ARG B 172 19.87 31.29 -6.65
CA ARG B 172 18.42 31.49 -6.33
C ARG B 172 17.82 30.14 -6.05
N VAL B 173 17.42 29.92 -4.82
CA VAL B 173 16.77 28.64 -4.41
C VAL B 173 15.33 28.90 -4.01
N LEU B 174 14.42 28.17 -4.63
CA LEU B 174 12.99 28.13 -4.23
C LEU B 174 12.79 26.90 -3.37
N ILE B 175 12.24 27.11 -2.18
CA ILE B 175 11.74 26.00 -1.33
C ILE B 175 10.22 26.06 -1.36
N VAL B 176 9.58 25.02 -1.90
CA VAL B 176 8.09 24.91 -1.84
C VAL B 176 7.77 23.85 -0.81
N ASP B 177 7.04 24.24 0.23
CA ASP B 177 6.73 23.36 1.37
C ASP B 177 5.24 23.06 1.34
N TRP B 178 4.86 21.87 0.88
CA TRP B 178 3.45 21.45 0.73
C TRP B 178 3.07 20.44 1.81
N ASP B 179 3.97 20.17 2.77
CA ASP B 179 3.59 19.55 4.06
C ASP B 179 2.39 20.35 4.60
N VAL B 180 1.43 19.71 5.25
CA VAL B 180 0.20 20.41 5.76
C VAL B 180 0.55 21.38 6.90
N HIS B 181 1.70 21.23 7.53
CA HIS B 181 2.17 22.09 8.64
C HIS B 181 3.09 23.18 8.11
N HIS B 182 3.07 24.34 8.75
CA HIS B 182 3.97 25.44 8.43
C HIS B 182 5.41 25.02 8.76
N GLY B 183 6.37 25.22 7.84
CA GLY B 183 7.80 25.03 8.10
C GLY B 183 8.38 26.21 8.85
N ASN B 184 8.01 26.37 10.11
CA ASN B 184 8.42 27.55 10.92
C ASN B 184 9.94 27.71 10.89
N GLY B 185 10.70 26.61 10.97
CA GLY B 185 12.18 26.67 10.99
C GLY B 185 12.71 27.22 9.68
N THR B 186 12.15 26.75 8.56
CA THR B 186 12.59 27.20 7.22
C THR B 186 12.26 28.68 7.06
N GLN B 187 11.06 29.11 7.41
CA GLN B 187 10.70 30.55 7.31
C GLN B 187 11.74 31.35 8.09
N HIS B 188 12.06 30.95 9.34
CA HIS B 188 12.93 31.79 10.22
C HIS B 188 14.35 31.85 9.70
N ILE B 189 14.92 30.72 9.30
CA ILE B 189 16.28 30.67 8.71
C ILE B 189 16.40 31.65 7.54
N PHE B 190 15.39 31.77 6.67
CA PHE B 190 15.53 32.57 5.44
C PHE B 190 14.74 33.88 5.50
N GLU B 191 14.28 34.32 6.67
CA GLU B 191 13.30 35.43 6.77
C GLU B 191 13.85 36.74 6.21
N GLU B 192 15.16 36.96 6.39
CA GLU B 192 15.87 38.20 5.94
C GLU B 192 16.68 37.93 4.67
N ASP B 193 16.38 36.85 3.94
CA ASP B 193 17.22 36.43 2.79
C ASP B 193 16.43 36.51 1.48
N ASP B 194 16.96 37.23 0.48
CA ASP B 194 16.32 37.37 -0.86
C ASP B 194 16.89 36.37 -1.85
N SER B 195 17.80 35.46 -1.47
CA SER B 195 18.37 34.42 -2.37
C SER B 195 17.56 33.12 -2.25
N VAL B 196 16.79 33.01 -1.18
CA VAL B 196 16.00 31.79 -0.88
C VAL B 196 14.54 32.22 -0.71
N LEU B 197 13.74 31.87 -1.69
CA LEU B 197 12.29 32.16 -1.69
C LEU B 197 11.62 30.99 -0.98
N TYR B 198 10.97 31.24 0.15
CA TYR B 198 10.20 30.20 0.88
C TYR B 198 8.72 30.36 0.58
N ILE B 199 8.08 29.32 0.06
CA ILE B 199 6.60 29.28 -0.16
C ILE B 199 6.05 28.09 0.62
N SER B 200 5.18 28.36 1.60
CA SER B 200 4.50 27.30 2.37
C SER B 200 2.98 27.37 2.18
N LEU B 201 2.36 26.24 1.88
CA LEU B 201 0.91 26.09 1.97
C LEU B 201 0.69 25.27 3.24
N HIS B 202 -0.28 25.62 4.09
CA HIS B 202 -0.42 24.90 5.38
C HIS B 202 -1.79 25.16 5.99
N ARG B 203 -2.29 24.16 6.68
CA ARG B 203 -3.49 24.32 7.51
C ARG B 203 -3.08 25.23 8.67
N TYR B 204 -3.88 26.27 8.93
CA TYR B 204 -3.52 27.32 9.90
C TYR B 204 -4.61 27.43 10.98
N GLU B 205 -5.85 27.53 10.55
CA GLU B 205 -7.02 27.56 11.48
C GLU B 205 -6.79 28.69 12.52
N ASP B 206 -6.42 29.88 12.05
CA ASP B 206 -6.24 31.08 12.89
C ASP B 206 -5.30 30.79 14.06
N GLY B 207 -4.24 30.00 13.82
CA GLY B 207 -3.15 29.79 14.78
C GLY B 207 -3.36 28.57 15.64
N ALA B 208 -4.46 27.83 15.44
CA ALA B 208 -4.88 26.70 16.30
C ALA B 208 -4.14 25.42 15.90
N PHE B 209 -3.65 25.32 14.67
CA PHE B 209 -3.03 24.08 14.11
C PHE B 209 -1.53 24.10 14.36
N PHE B 210 -0.92 22.96 14.70
CA PHE B 210 0.54 22.83 14.89
C PHE B 210 1.21 23.51 13.70
N PRO B 211 2.23 24.35 13.88
CA PRO B 211 2.89 24.60 15.17
C PRO B 211 2.38 25.77 16.03
N ASN B 212 1.13 26.19 15.82
CA ASN B 212 0.37 27.06 16.77
C ASN B 212 0.97 28.45 16.88
N SER B 213 1.48 29.03 15.79
CA SER B 213 2.14 30.36 15.79
C SER B 213 1.53 31.23 14.70
N GLU B 214 1.27 32.51 14.99
CA GLU B 214 0.89 33.51 13.97
C GLU B 214 2.02 33.77 12.99
N ASP B 215 3.23 33.25 13.21
CA ASP B 215 4.34 33.35 12.22
C ASP B 215 3.90 32.74 10.88
N ALA B 216 2.87 31.88 10.87
CA ALA B 216 2.38 31.17 9.66
C ALA B 216 1.33 31.96 8.87
N ASN B 217 0.94 33.14 9.32
CA ASN B 217 -0.13 33.90 8.64
C ASN B 217 0.43 34.59 7.39
N TYR B 218 -0.47 35.01 6.51
CA TYR B 218 -0.16 35.51 5.16
C TYR B 218 0.54 36.88 5.20
N ASP B 219 0.44 37.62 6.32
CA ASP B 219 1.03 38.97 6.46
C ASP B 219 2.55 38.89 6.64
N LYS B 220 3.11 37.72 7.01
CA LYS B 220 4.57 37.53 7.23
C LYS B 220 5.22 37.33 5.84
N VAL B 221 5.73 38.41 5.25
CA VAL B 221 6.22 38.42 3.85
C VAL B 221 7.76 38.42 3.83
N GLY B 222 8.40 38.33 4.98
CA GLY B 222 9.87 38.42 5.11
C GLY B 222 10.25 39.74 5.75
N LEU B 223 11.53 39.90 6.06
CA LEU B 223 12.06 41.08 6.82
C LEU B 223 13.25 41.68 6.06
N GLY B 224 13.46 42.99 6.17
CA GLY B 224 14.57 43.70 5.50
C GLY B 224 14.67 43.38 4.02
N LYS B 225 15.85 42.98 3.55
CA LYS B 225 16.09 42.59 2.13
C LYS B 225 15.17 41.42 1.78
N GLY B 226 14.70 40.69 2.78
CA GLY B 226 13.86 39.51 2.58
C GLY B 226 12.39 39.82 2.35
N ARG B 227 11.91 41.08 2.49
CA ARG B 227 10.48 41.41 2.26
C ARG B 227 10.08 40.98 0.84
N GLY B 228 8.98 40.20 0.75
CA GLY B 228 8.47 39.61 -0.50
C GLY B 228 8.97 38.18 -0.73
N TYR B 229 9.97 37.72 0.02
CA TYR B 229 10.63 36.42 -0.30
C TYR B 229 10.18 35.34 0.69
N ASN B 230 9.10 35.59 1.44
CA ASN B 230 8.43 34.60 2.31
C ASN B 230 6.94 34.59 1.99
N VAL B 231 6.43 33.52 1.41
CA VAL B 231 5.00 33.43 0.96
C VAL B 231 4.30 32.37 1.81
N ASN B 232 3.45 32.82 2.74
CA ASN B 232 2.61 31.92 3.58
C ASN B 232 1.22 31.85 2.97
N ILE B 233 0.74 30.64 2.66
CA ILE B 233 -0.61 30.41 2.14
C ILE B 233 -1.37 29.61 3.19
N PRO B 234 -2.04 30.30 4.14
CA PRO B 234 -2.66 29.64 5.29
C PRO B 234 -4.13 29.30 5.00
N TRP B 235 -4.50 28.04 5.24
CA TRP B 235 -5.87 27.55 5.01
C TRP B 235 -6.66 27.63 6.31
N ASN B 236 -7.92 28.09 6.23
CA ASN B 236 -8.82 28.17 7.40
C ASN B 236 -10.17 27.56 7.02
N GLY B 237 -10.75 26.78 7.91
CA GLY B 237 -12.17 26.35 7.84
C GLY B 237 -12.51 25.68 6.53
N GLY B 238 -11.90 24.53 6.26
CA GLY B 238 -12.22 23.74 5.06
C GLY B 238 -11.29 22.56 4.91
N LYS B 239 -11.80 21.48 4.33
CA LYS B 239 -11.07 20.24 4.04
C LYS B 239 -10.48 20.40 2.64
N MET B 240 -9.34 21.08 2.56
CA MET B 240 -8.77 21.49 1.27
C MET B 240 -8.27 20.25 0.54
N GLY B 241 -8.25 20.29 -0.79
CA GLY B 241 -7.77 19.17 -1.61
C GLY B 241 -7.27 19.68 -2.93
N ASP B 242 -7.39 18.84 -3.96
CA ASP B 242 -6.78 19.12 -5.27
C ASP B 242 -7.20 20.50 -5.77
N PRO B 243 -8.49 20.89 -5.78
CA PRO B 243 -8.90 22.15 -6.40
C PRO B 243 -8.23 23.36 -5.73
N GLU B 244 -8.09 23.35 -4.40
CA GLU B 244 -7.55 24.50 -3.66
C GLU B 244 -6.05 24.61 -3.92
N TYR B 245 -5.36 23.48 -3.94
CA TYR B 245 -3.87 23.48 -4.14
C TYR B 245 -3.60 23.87 -5.59
N MET B 246 -4.44 23.38 -6.53
CA MET B 246 -4.23 23.76 -7.94
C MET B 246 -4.46 25.26 -8.10
N ALA B 247 -5.48 25.81 -7.45
CA ALA B 247 -5.77 27.26 -7.54
C ALA B 247 -4.63 28.08 -6.88
N ALA B 248 -4.12 27.65 -5.75
CA ALA B 248 -2.98 28.34 -5.09
C ALA B 248 -1.78 28.33 -6.06
N PHE B 249 -1.54 27.23 -6.75
CA PHE B 249 -0.39 27.14 -7.67
C PHE B 249 -0.64 28.09 -8.85
N HIS B 250 -1.85 28.09 -9.39
CA HIS B 250 -2.14 28.90 -10.60
C HIS B 250 -2.03 30.39 -10.28
N HIS B 251 -2.57 30.82 -9.14
CA HIS B 251 -2.72 32.24 -8.75
C HIS B 251 -1.50 32.79 -8.04
N LEU B 252 -0.74 31.95 -7.30
CA LEU B 252 0.33 32.43 -6.40
C LEU B 252 1.67 31.74 -6.67
N VAL B 253 1.75 30.42 -6.49
CA VAL B 253 3.07 29.76 -6.44
C VAL B 253 3.74 29.93 -7.80
N MET B 254 3.08 29.58 -8.89
CA MET B 254 3.76 29.55 -10.21
C MET B 254 4.05 30.97 -10.72
N PRO B 255 3.16 31.98 -10.64
CA PRO B 255 3.54 33.34 -11.04
C PRO B 255 4.71 33.91 -10.24
N ILE B 256 4.72 33.73 -8.92
CA ILE B 256 5.85 34.22 -8.08
C ILE B 256 7.12 33.45 -8.43
N ALA B 257 7.03 32.12 -8.51
CA ALA B 257 8.21 31.26 -8.78
C ALA B 257 8.80 31.63 -10.14
N ARG B 258 7.97 31.84 -11.16
CA ARG B 258 8.48 32.14 -12.51
C ARG B 258 9.19 33.50 -12.51
N GLU B 259 8.68 34.45 -11.76
CA GLU B 259 9.29 35.80 -11.66
C GLU B 259 10.60 35.68 -10.90
N PHE B 260 10.67 34.88 -9.85
CA PHE B 260 11.91 34.70 -9.06
C PHE B 260 12.96 33.95 -9.88
N ALA B 261 12.54 33.08 -10.81
CA ALA B 261 13.45 32.37 -11.73
C ALA B 261 14.53 31.63 -10.94
N PRO B 262 14.13 30.64 -10.14
CA PRO B 262 15.07 29.89 -9.33
C PRO B 262 16.02 29.07 -10.21
N GLU B 263 17.20 28.80 -9.66
CA GLU B 263 18.23 27.95 -10.30
C GLU B 263 18.17 26.55 -9.69
N LEU B 264 17.48 26.40 -8.55
CA LEU B 264 17.26 25.08 -7.91
C LEU B 264 15.92 25.14 -7.16
N VAL B 265 15.12 24.08 -7.26
CA VAL B 265 13.82 23.98 -6.54
C VAL B 265 13.95 22.81 -5.55
N LEU B 266 13.77 23.09 -4.26
CA LEU B 266 13.63 22.05 -3.22
C LEU B 266 12.17 22.00 -2.82
N VAL B 267 11.63 20.81 -2.76
CA VAL B 267 10.26 20.61 -2.24
C VAL B 267 10.37 19.95 -0.87
N SER B 268 9.94 20.68 0.15
CA SER B 268 9.63 20.12 1.47
C SER B 268 8.32 19.35 1.32
N ALA B 269 8.44 18.09 0.94
CA ALA B 269 7.33 17.28 0.40
C ALA B 269 6.77 16.43 1.55
N GLY B 270 6.02 17.04 2.48
CA GLY B 270 5.20 16.23 3.40
C GLY B 270 4.00 15.68 2.67
N PHE B 271 3.51 14.48 3.01
CA PHE B 271 2.27 13.96 2.37
C PHE B 271 1.15 13.86 3.41
N ASP B 272 1.18 14.75 4.39
CA ASP B 272 0.17 14.77 5.47
C ASP B 272 -1.03 15.65 5.09
N ALA B 273 -1.01 16.33 3.95
CA ALA B 273 -2.26 16.92 3.40
C ALA B 273 -3.06 15.85 2.63
N ALA B 274 -2.56 14.60 2.58
CA ALA B 274 -3.13 13.57 1.69
C ALA B 274 -4.47 13.06 2.29
N ARG B 275 -5.35 12.70 1.38
CA ARG B 275 -6.57 11.89 1.70
C ARG B 275 -6.09 10.65 2.47
N GLY B 276 -6.62 10.49 3.67
CA GLY B 276 -6.33 9.35 4.57
C GLY B 276 -5.38 9.70 5.70
N ASP B 277 -4.69 10.84 5.66
CA ASP B 277 -3.71 11.13 6.72
C ASP B 277 -4.47 11.22 8.04
N PRO B 278 -3.96 10.61 9.14
CA PRO B 278 -4.60 10.74 10.45
C PRO B 278 -4.42 12.08 11.18
N LEU B 279 -3.43 12.91 10.84
CA LEU B 279 -3.14 14.20 11.55
C LEU B 279 -3.59 15.39 10.70
N GLY B 280 -3.63 15.28 9.37
CA GLY B 280 -3.79 16.44 8.47
C GLY B 280 -5.23 16.89 8.30
N GLY B 281 -6.15 15.96 8.05
CA GLY B 281 -7.58 16.24 7.84
C GLY B 281 -7.87 16.89 6.49
N PHE B 282 -7.00 16.73 5.50
CA PHE B 282 -7.18 17.28 4.13
C PHE B 282 -7.36 16.13 3.16
N GLN B 283 -7.56 16.43 1.87
CA GLN B 283 -8.00 15.47 0.83
C GLN B 283 -7.19 15.55 -0.45
N VAL B 284 -5.92 15.93 -0.43
CA VAL B 284 -5.11 15.98 -1.66
C VAL B 284 -4.88 14.53 -2.10
N THR B 285 -5.02 14.27 -3.39
CA THR B 285 -4.92 12.90 -3.97
C THR B 285 -3.52 12.69 -4.52
N PRO B 286 -3.09 11.44 -4.75
CA PRO B 286 -1.80 11.19 -5.40
C PRO B 286 -1.69 11.91 -6.73
N GLU B 287 -2.76 11.96 -7.51
CA GLU B 287 -2.82 12.65 -8.83
C GLU B 287 -2.66 14.15 -8.60
N GLY B 288 -3.22 14.69 -7.52
CA GLY B 288 -2.97 16.09 -7.16
C GLY B 288 -1.47 16.37 -6.98
N TYR B 289 -0.81 15.56 -6.16
CA TYR B 289 0.65 15.69 -5.94
C TYR B 289 1.42 15.55 -7.25
N ALA B 290 1.02 14.63 -8.12
CA ALA B 290 1.66 14.47 -9.43
C ALA B 290 1.54 15.80 -10.19
N HIS B 291 0.38 16.41 -10.17
CA HIS B 291 0.21 17.68 -10.93
C HIS B 291 1.08 18.77 -10.31
N LEU B 292 1.19 18.87 -8.99
CA LEU B 292 2.01 19.95 -8.39
C LEU B 292 3.47 19.71 -8.79
N THR B 293 3.88 18.46 -8.81
CA THR B 293 5.27 18.09 -9.15
C THR B 293 5.55 18.54 -10.59
N HIS B 294 4.65 18.20 -11.49
CA HIS B 294 4.78 18.49 -12.93
C HIS B 294 4.86 20.00 -13.14
N GLN B 295 4.14 20.77 -12.34
CA GLN B 295 4.20 22.25 -12.46
C GLN B 295 5.58 22.74 -12.02
N LEU B 296 6.09 22.20 -10.92
CA LEU B 296 7.39 22.68 -10.41
C LEU B 296 8.49 22.28 -11.40
N MET B 297 8.36 21.18 -12.12
CA MET B 297 9.37 20.71 -13.10
C MET B 297 9.54 21.72 -14.25
N SER B 298 8.60 22.64 -14.43
CA SER B 298 8.70 23.71 -15.46
C SER B 298 9.67 24.84 -15.04
N LEU B 299 10.16 24.84 -13.79
CA LEU B 299 11.07 25.85 -13.22
C LEU B 299 12.52 25.34 -13.24
N ALA B 300 13.48 26.25 -13.17
CA ALA B 300 14.91 25.96 -12.90
C ALA B 300 15.41 24.93 -13.92
N ALA B 301 14.93 24.97 -15.16
CA ALA B 301 15.34 24.00 -16.20
C ALA B 301 15.19 22.57 -15.64
N GLY B 302 14.14 22.31 -14.87
CA GLY B 302 13.81 20.97 -14.35
C GLY B 302 14.61 20.57 -13.11
N ARG B 303 15.45 21.45 -12.54
CA ARG B 303 16.33 21.06 -11.42
C ARG B 303 15.52 21.09 -10.12
N VAL B 304 14.88 19.96 -9.80
CA VAL B 304 13.92 19.78 -8.69
C VAL B 304 14.38 18.61 -7.81
N LEU B 305 14.51 18.85 -6.51
CA LEU B 305 14.77 17.81 -5.49
C LEU B 305 13.56 17.71 -4.54
N ILE B 306 12.94 16.54 -4.49
CA ILE B 306 11.76 16.28 -3.63
C ILE B 306 12.28 15.63 -2.34
N ILE B 307 12.10 16.30 -1.20
CA ILE B 307 12.62 15.82 0.11
C ILE B 307 11.41 15.43 0.97
N LEU B 308 11.38 14.19 1.47
CA LEU B 308 10.25 13.76 2.32
C LEU B 308 10.26 14.55 3.63
N GLU B 309 9.11 15.10 4.03
CA GLU B 309 8.89 15.72 5.36
C GLU B 309 7.92 14.82 6.17
N GLY B 310 6.69 15.27 6.43
CA GLY B 310 5.69 14.46 7.15
C GLY B 310 4.84 13.61 6.22
N GLY B 311 3.72 13.14 6.73
CA GLY B 311 2.85 12.17 6.03
C GLY B 311 2.85 10.86 6.80
N TYR B 312 1.73 10.43 7.35
CA TYR B 312 1.70 9.37 8.37
C TYR B 312 0.74 8.21 8.02
N ASN B 313 0.00 8.30 6.91
CA ASN B 313 -0.74 7.12 6.41
C ASN B 313 0.21 6.39 5.45
N LEU B 314 0.70 5.21 5.85
CA LEU B 314 1.76 4.49 5.10
C LEU B 314 1.30 4.26 3.66
N THR B 315 0.05 3.89 3.44
CA THR B 315 -0.43 3.62 2.08
C THR B 315 -0.48 4.95 1.30
N SER B 316 -0.99 6.01 1.93
CA SER B 316 -1.19 7.32 1.26
C SER B 316 0.18 7.89 0.86
N ILE B 317 1.12 7.93 1.77
CA ILE B 317 2.46 8.53 1.46
C ILE B 317 3.18 7.70 0.39
N SER B 318 3.04 6.38 0.42
CA SER B 318 3.71 5.48 -0.53
C SER B 318 3.18 5.79 -1.95
N GLU B 319 1.88 5.93 -2.09
CA GLU B 319 1.28 6.17 -3.43
C GLU B 319 1.62 7.61 -3.87
N SER B 320 1.58 8.57 -2.95
CA SER B 320 1.75 10.00 -3.29
C SER B 320 3.20 10.23 -3.69
N MET B 321 4.16 9.79 -2.89
CA MET B 321 5.56 10.09 -3.22
C MET B 321 5.97 9.34 -4.50
N SER B 322 5.52 8.11 -4.70
CA SER B 322 5.80 7.34 -5.94
CA SER B 322 5.86 7.36 -5.94
C SER B 322 5.28 8.07 -7.18
N MET B 323 4.10 8.67 -7.07
CA MET B 323 3.54 9.48 -8.18
C MET B 323 4.45 10.65 -8.49
N CYS B 324 5.02 11.31 -7.47
CA CYS B 324 5.97 12.43 -7.70
C CYS B 324 7.19 11.91 -8.48
N THR B 325 7.77 10.79 -8.06
CA THR B 325 8.94 10.20 -8.74
C THR B 325 8.57 9.89 -10.19
N SER B 326 7.40 9.34 -10.41
CA SER B 326 6.91 8.99 -11.75
C SER B 326 6.91 10.25 -12.62
N MET B 327 6.48 11.39 -12.06
CA MET B 327 6.48 12.67 -12.81
C MET B 327 7.93 13.13 -13.08
N LEU B 328 8.85 13.06 -12.09
CA LEU B 328 10.27 13.42 -12.29
C LEU B 328 10.87 12.59 -13.43
N LEU B 329 10.43 11.36 -13.60
CA LEU B 329 10.99 10.42 -14.61
C LEU B 329 10.41 10.76 -15.98
N GLY B 330 9.44 11.65 -16.08
CA GLY B 330 8.91 12.07 -17.38
C GLY B 330 7.58 11.45 -17.76
N ASP B 331 6.95 10.68 -16.87
CA ASP B 331 5.69 9.98 -17.19
C ASP B 331 4.54 10.99 -17.35
N SER B 332 3.56 10.62 -18.19
CA SER B 332 2.37 11.48 -18.44
CA SER B 332 2.36 11.45 -18.44
C SER B 332 1.62 11.72 -17.13
N PRO B 333 1.33 13.00 -16.78
CA PRO B 333 0.52 13.30 -15.61
C PRO B 333 -0.83 12.58 -15.72
N PRO B 334 -1.31 11.96 -14.63
CA PRO B 334 -2.62 11.29 -14.64
C PRO B 334 -3.72 12.36 -14.73
N SER B 335 -4.87 12.07 -15.32
CA SER B 335 -5.91 13.12 -15.46
C SER B 335 -6.47 13.41 -14.06
N LEU B 336 -6.88 14.64 -13.86
CA LEU B 336 -7.38 15.13 -12.56
C LEU B 336 -8.88 15.32 -12.71
N ASP B 337 -9.61 14.21 -12.64
CA ASP B 337 -11.08 14.19 -12.79
C ASP B 337 -11.68 14.69 -11.47
N HIS B 338 -12.95 14.37 -11.21
CA HIS B 338 -13.64 14.58 -9.90
C HIS B 338 -13.22 15.92 -9.28
N LEU B 339 -13.13 17.01 -10.06
CA LEU B 339 -12.59 18.33 -9.58
C LEU B 339 -13.72 19.27 -9.13
N THR B 340 -13.95 19.38 -7.81
CA THR B 340 -14.92 20.32 -7.17
C THR B 340 -14.52 21.75 -7.50
N PRO B 341 -15.44 22.74 -7.42
CA PRO B 341 -15.08 24.15 -7.37
C PRO B 341 -14.58 24.54 -5.97
N LEU B 342 -14.01 25.74 -5.83
CA LEU B 342 -13.14 26.11 -4.69
C LEU B 342 -13.97 26.35 -3.43
N LYS B 343 -13.65 25.70 -2.31
CA LYS B 343 -14.19 26.09 -0.99
C LYS B 343 -13.98 27.60 -0.86
N THR B 344 -15.01 28.34 -0.45
CA THR B 344 -14.98 29.82 -0.50
C THR B 344 -13.99 30.32 0.56
N SER B 345 -13.69 29.58 1.63
CA SER B 345 -12.63 30.03 2.57
C SER B 345 -11.25 29.94 1.88
N ALA B 346 -11.08 29.08 0.88
CA ALA B 346 -9.82 28.96 0.11
C ALA B 346 -9.66 30.18 -0.83
N THR B 347 -10.75 30.63 -1.45
CA THR B 347 -10.74 31.88 -2.24
C THR B 347 -10.33 33.04 -1.33
N VAL B 348 -10.79 33.03 -0.08
CA VAL B 348 -10.49 34.15 0.84
C VAL B 348 -8.98 34.13 1.15
N SER B 349 -8.44 32.94 1.45
CA SER B 349 -6.99 32.78 1.76
C SER B 349 -6.16 33.23 0.56
N ILE B 350 -6.49 32.79 -0.65
CA ILE B 350 -5.68 33.11 -1.85
C ILE B 350 -5.70 34.63 -2.06
N ASN B 351 -6.87 35.25 -1.93
CA ASN B 351 -6.99 36.72 -2.14
C ASN B 351 -6.23 37.46 -1.03
N ASN B 352 -6.18 36.95 0.19
CA ASN B 352 -5.38 37.59 1.28
C ASN B 352 -3.88 37.58 0.93
N VAL B 353 -3.39 36.44 0.49
CA VAL B 353 -1.97 36.35 0.10
C VAL B 353 -1.72 37.28 -1.09
N LEU B 354 -2.60 37.32 -2.10
CA LEU B 354 -2.42 38.28 -3.25
C LEU B 354 -2.31 39.72 -2.73
N ARG B 355 -3.11 40.13 -1.76
CA ARG B 355 -3.02 41.51 -1.20
C ARG B 355 -1.68 41.80 -0.53
N ALA B 356 -1.11 40.85 0.20
CA ALA B 356 0.16 41.02 0.92
C ALA B 356 1.33 41.03 -0.06
N HIS B 357 1.25 40.31 -1.19
CA HIS B 357 2.41 40.05 -2.07
C HIS B 357 2.34 40.82 -3.39
N ALA B 358 1.21 41.40 -3.76
CA ALA B 358 1.11 42.17 -5.02
C ALA B 358 2.17 43.27 -5.05
N PRO B 359 2.47 44.00 -3.96
CA PRO B 359 3.46 45.07 -4.06
C PRO B 359 4.86 44.58 -4.42
N PHE B 360 5.17 43.29 -4.21
CA PHE B 360 6.54 42.73 -4.42
C PHE B 360 6.69 42.02 -5.76
N TRP B 361 5.62 41.55 -6.36
CA TRP B 361 5.69 40.66 -7.56
C TRP B 361 4.83 41.26 -8.67
N SER B 362 5.44 41.76 -9.73
CA SER B 362 4.72 42.39 -10.85
C SER B 362 3.76 41.39 -11.52
N SER B 363 4.07 40.09 -11.48
CA SER B 363 3.23 38.99 -12.03
C SER B 363 1.88 38.93 -11.31
N LEU B 364 1.77 39.50 -10.11
CA LEU B 364 0.51 39.54 -9.32
C LEU B 364 -0.27 40.84 -9.54
N ARG B 365 0.24 41.78 -10.32
CA ARG B 365 -0.42 43.09 -10.57
C ARG B 365 -0.95 43.12 -12.01
N1 LDL C . 6.09 -20.13 -9.15
N3 LDL C . 7.13 -18.31 -9.67
C4 LDL C . 2.09 -18.93 -8.34
C5 LDL C . 3.27 -19.37 -8.92
C6 LDL C . 3.72 -20.66 -8.76
C7 LDL C . 5.03 -21.14 -9.35
C8 LDL C . 7.66 -18.78 -8.51
C10 LDL C . 9.02 -16.73 -8.10
C13 LDL C . 10.72 -18.12 -6.44
C15 LDL C . 12.83 -15.12 -6.34
C17 LDL C . 13.99 -13.63 -7.65
C1 LDL C . 1.28 -19.79 -7.62
C2 LDL C . 1.73 -21.09 -7.44
C3 LDL C . 2.94 -21.51 -7.99
N2 LDL C . 6.15 -19.11 -10.04
C9 LDL C . 8.78 -18.08 -7.86
C11 LDL C . 10.07 -16.07 -7.50
C12 LDL C . 9.64 -18.77 -7.02
C14 LDL C . 10.94 -16.77 -6.65
N4 LDL C . 12.04 -16.17 -5.99
N5 LDL C . 13.71 -14.55 -5.52
C16 LDL C . 14.70 -13.83 -6.31
N6 LDL C . 12.85 -14.53 -7.52
C18 LDL C . 7.00 -19.94 -8.18
C19 LDL C . -0.01 -19.31 -7.04
N7 LDL C . -1.02 -20.19 -6.94
N8 LDL C . -2.30 -19.76 -6.45
O1 LDL C . -0.22 -18.13 -6.74
ZN ZN D . -2.59 -18.00 -7.58
K K E . -17.78 -30.97 -7.42
K K F . -9.03 -19.95 -9.80
N1 LDL G . 1.70 15.91 17.14
N3 LDL G . 0.06 14.51 17.15
C4 LDL G . 2.61 16.64 13.09
C5 LDL G . 2.15 16.64 14.39
C6 LDL G . 2.87 17.23 15.41
C7 LDL G . 2.36 17.19 16.84
C8 LDL G . 1.15 13.87 17.67
C10 LDL G . 2.06 12.04 19.04
C13 LDL G . 0.13 10.27 18.19
C15 LDL G . 0.32 7.55 19.91
C17 LDL G . -1.66 6.39 20.00
C1 LDL G . 3.84 17.23 12.76
C2 LDL G . 4.58 17.79 13.79
C3 LDL G . 4.11 17.79 15.09
N2 LDL G . 0.38 15.75 16.83
C9 LDL G . 1.11 12.48 18.14
C11 LDL G . 2.06 10.75 19.53
C12 LDL G . 0.14 11.57 17.72
C14 LDL G . 1.10 9.84 19.11
N4 LDL G . 1.22 8.54 19.65
N5 LDL G . 0.68 6.35 20.28
C16 LDL G . -0.49 5.46 20.30
N6 LDL G . -0.98 7.68 19.83
C18 LDL G . 2.20 14.77 17.66
C19 LDL G . 4.27 17.22 11.32
N7 LDL G . 5.05 18.22 10.93
N8 LDL G . 5.39 18.37 9.57
O1 LDL G . 3.84 16.42 10.49
ZN ZN H . 3.55 17.93 8.60
K K I . 3.83 23.67 4.46
K K J . 13.21 34.27 2.26
#